data_3MO2
#
_entry.id   3MO2
#
_cell.length_a   59.7
_cell.length_b   163.0
_cell.length_c   69.3
_cell.angle_alpha   90.00
_cell.angle_beta   98.9
_cell.angle_gamma   90.00
#
_symmetry.space_group_name_H-M   'P 1 21 1'
#
loop_
_entity.id
_entity.type
_entity.pdbx_description
1 polymer 'Histone-lysine N-methyltransferase, H3 lysine-9 specific 5'
2 non-polymer 'ZINC ION'
3 non-polymer 7-[(5-aminopentyl)oxy]-N~4~-(1-benzylpiperidin-4-yl)-N~2~-[3-(dimethylamino)propyl]-6-methoxyquinazoline-2,4-diamine
4 non-polymer S-ADENOSYL-L-HOMOCYSTEINE
5 water water
#
_entity_poly.entity_id   1
_entity_poly.type   'polypeptide(L)'
_entity_poly.pdbx_seq_one_letter_code
;NSQVWSALQMSKALQDSAPDRPSPVERIVSRDIARGYERIPIPCVNAVDSEPCPSNYKYVSQNCVTSPMNIDRNITHLQY
CVCIDDCSSSNCMCGQLSMRCWYDKDGRLLPEFNMAEPPLIFECNHACSCWRNCRNRVVQNGLRARLQLYRTRDMGWGVR
SLQDIPPGTFVCEYVGELISDSEADVREEDSYLFDLDNKDGEVYCIDARFYGNVSRFINHHCEPNLVPVRVFMAHQDLRF
PRIAFFSTRLIEAGEQLGFDYGERFWDIKGKLFSCRCGSPKCRHS
;
_entity_poly.pdbx_strand_id   A,B,C,D
#
loop_
_chem_comp.id
_chem_comp.type
_chem_comp.name
_chem_comp.formula
E67 non-polymer 7-[(5-aminopentyl)oxy]-N~4~-(1-benzylpiperidin-4-yl)-N~2~-[3-(dimethylamino)propyl]-6-methoxyquinazoline-2,4-diamine 'C31 H47 N7 O2'
ZN non-polymer 'ZINC ION' 'Zn 2'
#
# COMPACT_ATOMS: atom_id res chain seq x y z
N ILE A 28 5.12 21.42 18.99
CA ILE A 28 4.31 20.49 18.15
C ILE A 28 3.13 19.96 18.95
N VAL A 29 2.04 20.73 18.96
CA VAL A 29 0.84 20.34 19.69
C VAL A 29 -0.14 19.58 18.79
N SER A 30 0.29 19.32 17.57
CA SER A 30 -0.53 18.58 16.60
C SER A 30 0.20 18.42 15.28
N ARG A 31 0.34 17.17 14.85
CA ARG A 31 1.01 16.85 13.61
C ARG A 31 0.29 17.44 12.39
N ASP A 32 -1.03 17.32 12.37
CA ASP A 32 -1.81 17.82 11.25
C ASP A 32 -3.26 18.09 11.64
N ILE A 33 -3.64 19.37 11.62
CA ILE A 33 -5.00 19.76 11.98
C ILE A 33 -6.03 19.32 10.94
N ALA A 34 -5.55 18.87 9.79
CA ALA A 34 -6.44 18.42 8.72
C ALA A 34 -6.66 16.90 8.81
N ARG A 35 -5.95 16.26 9.74
CA ARG A 35 -6.06 14.81 9.97
C ARG A 35 -5.90 14.00 8.69
N GLY A 36 -5.03 14.50 7.81
CA GLY A 36 -4.75 13.82 6.56
C GLY A 36 -5.67 14.13 5.40
N TYR A 37 -6.46 15.19 5.49
CA TYR A 37 -7.37 15.51 4.40
C TYR A 37 -6.78 16.37 3.29
N GLU A 38 -5.74 17.14 3.59
CA GLU A 38 -5.10 17.97 2.56
C GLU A 38 -3.99 17.14 1.90
N ARG A 39 -3.40 17.65 0.82
CA ARG A 39 -2.32 16.93 0.14
C ARG A 39 -1.04 16.92 0.96
N ILE A 40 -0.93 17.88 1.87
CA ILE A 40 0.24 17.97 2.75
C ILE A 40 -0.25 18.40 4.12
N PRO A 41 0.27 17.78 5.19
CA PRO A 41 -0.12 18.10 6.57
C PRO A 41 0.03 19.58 6.92
N ILE A 42 -0.61 19.99 7.99
CA ILE A 42 -0.52 21.36 8.46
C ILE A 42 -0.38 21.27 9.97
N PRO A 43 0.87 21.14 10.45
CA PRO A 43 1.20 21.03 11.86
C PRO A 43 0.86 22.28 12.64
N CYS A 44 0.79 22.14 13.95
CA CYS A 44 0.49 23.26 14.82
C CYS A 44 1.52 23.31 15.94
N VAL A 45 2.15 24.46 16.11
CA VAL A 45 3.15 24.63 17.14
C VAL A 45 2.88 25.87 17.97
N ASN A 46 3.28 25.81 19.24
CA ASN A 46 3.11 26.93 20.15
C ASN A 46 4.46 27.27 20.80
N ALA A 47 4.97 28.45 20.52
CA ALA A 47 6.25 28.89 21.08
C ALA A 47 6.03 30.12 21.95
N VAL A 48 4.78 30.38 22.30
CA VAL A 48 4.43 31.51 23.14
C VAL A 48 4.06 30.94 24.51
N ASP A 49 2.76 30.72 24.73
CA ASP A 49 2.27 30.17 25.98
C ASP A 49 2.25 28.64 25.94
N SER A 50 1.44 28.03 26.79
CA SER A 50 1.36 26.57 26.83
C SER A 50 -0.04 26.06 26.47
N GLU A 51 -0.76 26.85 25.67
CA GLU A 51 -2.11 26.50 25.23
C GLU A 51 -2.06 25.40 24.17
N PRO A 52 -2.98 24.42 24.25
CA PRO A 52 -3.00 23.33 23.26
C PRO A 52 -3.41 23.86 21.89
N CYS A 53 -3.50 22.96 20.91
CA CYS A 53 -3.91 23.33 19.57
C CYS A 53 -5.41 23.58 19.61
N PRO A 54 -5.91 24.53 18.80
CA PRO A 54 -7.34 24.81 18.80
C PRO A 54 -8.16 23.55 18.55
N SER A 55 -9.28 23.41 19.25
CA SER A 55 -10.11 22.23 19.08
C SER A 55 -11.59 22.51 19.29
N ASN A 56 -11.97 23.78 19.27
CA ASN A 56 -13.37 24.17 19.47
C ASN A 56 -14.06 24.41 18.13
N TYR A 57 -13.73 23.57 17.15
CA TYR A 57 -14.31 23.66 15.81
C TYR A 57 -13.98 22.37 15.08
N LYS A 58 -14.73 22.08 14.01
CA LYS A 58 -14.53 20.89 13.22
C LYS A 58 -13.82 21.25 11.92
N TYR A 59 -12.69 20.60 11.66
CA TYR A 59 -11.92 20.89 10.47
C TYR A 59 -12.50 20.16 9.26
N VAL A 60 -12.64 20.88 8.16
CA VAL A 60 -13.12 20.31 6.90
C VAL A 60 -12.30 20.92 5.77
N SER A 61 -11.95 20.10 4.79
CA SER A 61 -11.16 20.59 3.67
C SER A 61 -12.05 21.13 2.55
N GLN A 62 -13.34 20.79 2.62
CA GLN A 62 -14.32 21.24 1.62
C GLN A 62 -15.52 21.90 2.27
N ASN A 63 -16.13 22.86 1.57
CA ASN A 63 -17.31 23.53 2.13
C ASN A 63 -18.39 22.51 2.41
N CYS A 64 -19.09 22.72 3.51
CA CYS A 64 -20.18 21.85 3.92
C CYS A 64 -21.41 22.69 4.20
N VAL A 65 -22.58 22.05 4.28
CA VAL A 65 -23.82 22.74 4.58
C VAL A 65 -24.54 22.04 5.73
N THR A 66 -25.25 22.83 6.53
CA THR A 66 -25.99 22.29 7.67
C THR A 66 -27.48 22.42 7.41
N SER A 67 -27.87 22.30 6.15
CA SER A 67 -29.27 22.43 5.77
C SER A 67 -29.42 22.17 4.28
N PRO A 68 -30.67 22.25 3.77
CA PRO A 68 -30.85 22.03 2.34
C PRO A 68 -30.16 23.17 1.62
N MET A 69 -29.51 22.87 0.51
CA MET A 69 -28.84 23.91 -0.26
C MET A 69 -28.97 23.50 -1.72
N ASN A 70 -29.83 24.19 -2.45
CA ASN A 70 -30.07 23.85 -3.84
C ASN A 70 -29.02 24.41 -4.81
N ILE A 71 -27.80 23.92 -4.71
CA ILE A 71 -26.72 24.34 -5.61
C ILE A 71 -26.98 23.68 -6.95
N ASP A 72 -26.83 24.42 -8.03
CA ASP A 72 -27.07 23.86 -9.36
C ASP A 72 -25.95 22.93 -9.83
N ARG A 73 -26.16 21.62 -9.72
CA ARG A 73 -25.16 20.66 -10.16
C ARG A 73 -25.63 19.91 -11.41
N ASN A 74 -26.42 20.58 -12.23
CA ASN A 74 -26.89 19.95 -13.45
C ASN A 74 -25.73 20.01 -14.41
N ILE A 75 -25.22 18.84 -14.81
CA ILE A 75 -24.08 18.78 -15.70
C ILE A 75 -24.35 19.38 -17.08
N THR A 76 -25.61 19.39 -17.52
CA THR A 76 -25.91 19.96 -18.82
C THR A 76 -25.95 21.48 -18.77
N HIS A 77 -25.93 22.05 -17.58
CA HIS A 77 -25.93 23.51 -17.44
C HIS A 77 -24.51 24.08 -17.42
N LEU A 78 -23.52 23.20 -17.30
CA LEU A 78 -22.13 23.64 -17.29
C LEU A 78 -21.67 24.10 -18.66
N GLN A 79 -20.88 25.17 -18.67
CA GLN A 79 -20.29 25.68 -19.91
C GLN A 79 -18.93 24.98 -19.86
N TYR A 80 -18.48 24.49 -21.01
CA TYR A 80 -17.23 23.76 -21.05
C TYR A 80 -16.46 24.00 -22.33
N CYS A 81 -15.27 23.42 -22.42
CA CYS A 81 -14.46 23.60 -23.60
C CYS A 81 -14.28 22.29 -24.39
N VAL A 82 -13.89 22.41 -25.64
CA VAL A 82 -13.69 21.25 -26.49
C VAL A 82 -12.25 21.19 -26.97
N CYS A 83 -11.36 21.84 -26.21
CA CYS A 83 -9.94 21.87 -26.57
C CYS A 83 -9.36 20.48 -26.84
N ILE A 84 -8.46 20.42 -27.83
CA ILE A 84 -7.80 19.17 -28.15
C ILE A 84 -6.35 19.26 -27.72
N ASP A 85 -5.96 20.43 -27.21
CA ASP A 85 -4.61 20.63 -26.71
C ASP A 85 -4.67 20.64 -25.19
N ASP A 86 -3.69 21.28 -24.55
CA ASP A 86 -3.65 21.34 -23.11
C ASP A 86 -4.31 22.63 -22.58
N CYS A 87 -5.28 23.12 -23.34
CA CYS A 87 -6.04 24.33 -23.03
C CYS A 87 -5.24 25.61 -22.92
N SER A 88 -4.07 25.65 -23.56
CA SER A 88 -3.25 26.85 -23.49
C SER A 88 -3.43 27.78 -24.68
N SER A 89 -4.41 27.49 -25.52
CA SER A 89 -4.67 28.32 -26.69
C SER A 89 -5.74 29.37 -26.42
N SER A 90 -5.89 30.29 -27.38
CA SER A 90 -6.88 31.35 -27.27
C SER A 90 -8.32 30.89 -27.50
N ASN A 91 -8.50 29.69 -28.06
CA ASN A 91 -9.82 29.18 -28.34
C ASN A 91 -10.61 28.67 -27.14
N CYS A 92 -9.90 28.12 -26.15
CA CYS A 92 -10.53 27.57 -24.94
C CYS A 92 -11.71 28.37 -24.39
N MET A 93 -12.89 27.77 -24.41
CA MET A 93 -14.11 28.39 -23.91
C MET A 93 -14.01 28.82 -22.44
N CYS A 94 -13.42 27.95 -21.62
CA CYS A 94 -13.27 28.20 -20.19
C CYS A 94 -12.45 29.43 -19.88
N GLY A 95 -11.44 29.70 -20.72
CA GLY A 95 -10.61 30.87 -20.51
C GLY A 95 -11.36 32.09 -20.98
N GLN A 96 -12.21 31.91 -21.99
CA GLN A 96 -12.99 33.00 -22.53
C GLN A 96 -13.91 33.51 -21.43
N LEU A 97 -14.47 32.59 -20.65
CA LEU A 97 -15.37 32.95 -19.55
C LEU A 97 -14.65 33.71 -18.45
N SER A 98 -13.35 33.44 -18.29
CA SER A 98 -12.52 34.09 -17.29
C SER A 98 -11.87 35.34 -17.87
N MET A 99 -12.35 35.77 -19.04
CA MET A 99 -11.80 36.90 -19.79
C MET A 99 -10.66 36.25 -20.58
N ARG A 100 -9.89 35.45 -19.88
CA ARG A 100 -8.80 34.69 -20.47
C ARG A 100 -8.20 33.82 -19.38
N CYS A 101 -7.58 32.71 -19.76
CA CYS A 101 -6.97 31.88 -18.76
C CYS A 101 -5.87 32.73 -18.15
N TRP A 102 -5.83 32.81 -16.83
CA TRP A 102 -4.83 33.62 -16.15
C TRP A 102 -3.67 32.81 -15.58
N TYR A 103 -3.75 31.49 -15.68
CA TYR A 103 -2.67 30.66 -15.16
C TYR A 103 -1.55 30.46 -16.14
N ASP A 104 -0.33 30.37 -15.63
CA ASP A 104 0.83 30.14 -16.50
C ASP A 104 1.16 28.65 -16.47
N LYS A 105 2.26 28.27 -17.11
CA LYS A 105 2.66 26.88 -17.16
C LYS A 105 2.81 26.25 -15.77
N ASP A 106 3.24 27.05 -14.80
CA ASP A 106 3.42 26.55 -13.43
C ASP A 106 2.13 26.60 -12.63
N GLY A 107 1.13 27.32 -13.14
CA GLY A 107 -0.13 27.41 -12.44
C GLY A 107 -0.26 28.70 -11.68
N ARG A 108 0.61 29.66 -11.99
CA ARG A 108 0.60 30.95 -11.33
C ARG A 108 -0.12 32.02 -12.13
N LEU A 109 -0.70 32.98 -11.42
CA LEU A 109 -1.40 34.07 -12.05
C LEU A 109 -0.42 34.93 -12.85
N LEU A 110 -0.85 35.34 -14.05
CA LEU A 110 -0.04 36.17 -14.93
C LEU A 110 0.00 37.59 -14.37
N PRO A 111 1.13 38.29 -14.54
CA PRO A 111 1.27 39.67 -14.04
C PRO A 111 0.12 40.58 -14.46
N GLU A 112 -0.51 40.27 -15.59
CA GLU A 112 -1.62 41.08 -16.10
C GLU A 112 -2.89 40.94 -15.27
N PHE A 113 -2.84 40.08 -14.24
CA PHE A 113 -3.98 39.86 -13.37
C PHE A 113 -4.19 41.06 -12.45
N ASN A 114 -5.43 41.55 -12.38
CA ASN A 114 -5.74 42.70 -11.55
C ASN A 114 -6.11 42.31 -10.11
N MET A 115 -5.13 42.38 -9.22
CA MET A 115 -5.30 42.04 -7.81
C MET A 115 -6.32 42.95 -7.11
N ALA A 116 -6.31 44.22 -7.49
CA ALA A 116 -7.21 45.20 -6.89
C ALA A 116 -8.68 44.88 -7.16
N GLU A 117 -8.94 44.28 -8.31
CA GLU A 117 -10.30 43.91 -8.70
C GLU A 117 -10.24 42.61 -9.52
N PRO A 118 -10.17 41.46 -8.83
CA PRO A 118 -10.10 40.16 -9.50
C PRO A 118 -11.33 39.79 -10.31
N PRO A 119 -11.12 39.06 -11.42
CA PRO A 119 -12.22 38.63 -12.29
C PRO A 119 -12.65 37.27 -11.76
N LEU A 120 -13.79 36.77 -12.24
CA LEU A 120 -14.24 35.46 -11.83
C LEU A 120 -13.39 34.48 -12.64
N ILE A 121 -12.88 33.43 -12.00
CA ILE A 121 -12.09 32.44 -12.72
C ILE A 121 -12.90 31.16 -12.89
N PHE A 122 -13.01 30.72 -14.13
CA PHE A 122 -13.72 29.48 -14.47
C PHE A 122 -12.68 28.44 -14.91
N GLU A 123 -12.41 27.48 -14.04
CA GLU A 123 -11.45 26.44 -14.38
C GLU A 123 -12.16 25.34 -15.17
N CYS A 124 -11.39 24.54 -15.90
CA CYS A 124 -11.98 23.45 -16.67
C CYS A 124 -12.65 22.47 -15.70
N ASN A 125 -13.57 21.65 -16.22
CA ASN A 125 -14.31 20.73 -15.38
C ASN A 125 -14.56 19.41 -16.09
N HIS A 126 -15.34 18.54 -15.45
CA HIS A 126 -15.62 17.22 -16.02
C HIS A 126 -16.42 17.20 -17.30
N ALA A 127 -17.02 18.33 -17.69
CA ALA A 127 -17.78 18.36 -18.94
C ALA A 127 -16.83 18.70 -20.11
N CYS A 128 -15.67 19.27 -19.79
CA CYS A 128 -14.68 19.64 -20.79
C CYS A 128 -14.07 18.41 -21.47
N SER A 129 -13.62 18.60 -22.71
CA SER A 129 -13.02 17.53 -23.50
C SER A 129 -11.53 17.35 -23.21
N CYS A 130 -10.96 18.32 -22.51
CA CYS A 130 -9.54 18.29 -22.17
C CYS A 130 -9.21 17.26 -21.10
N TRP A 131 -7.92 17.16 -20.77
CA TRP A 131 -7.44 16.22 -19.77
C TRP A 131 -7.33 16.85 -18.38
N ARG A 132 -7.38 16.00 -17.37
CA ARG A 132 -7.31 16.42 -15.98
C ARG A 132 -6.06 17.24 -15.66
N ASN A 133 -5.07 17.23 -16.56
CA ASN A 133 -3.85 17.98 -16.33
C ASN A 133 -3.66 19.18 -17.24
N CYS A 134 -4.73 19.74 -17.78
CA CYS A 134 -4.61 20.90 -18.65
C CYS A 134 -4.17 22.10 -17.82
N ARG A 135 -3.82 23.19 -18.49
CA ARG A 135 -3.35 24.40 -17.81
C ARG A 135 -4.41 25.16 -17.00
N ASN A 136 -5.67 25.03 -17.36
CA ASN A 136 -6.71 25.76 -16.65
C ASN A 136 -7.26 25.01 -15.45
N ARG A 137 -6.37 24.47 -14.65
CA ARG A 137 -6.75 23.72 -13.45
C ARG A 137 -5.68 23.98 -12.39
N VAL A 138 -6.01 24.80 -11.40
CA VAL A 138 -5.06 25.12 -10.34
C VAL A 138 -5.69 24.94 -8.97
N VAL A 139 -6.76 25.69 -8.71
CA VAL A 139 -7.44 25.62 -7.42
C VAL A 139 -8.02 24.24 -7.14
N GLN A 140 -8.35 23.49 -8.17
CA GLN A 140 -8.92 22.17 -7.95
C GLN A 140 -7.86 21.13 -7.62
N ASN A 141 -6.59 21.51 -7.73
CA ASN A 141 -5.50 20.58 -7.43
C ASN A 141 -5.11 20.56 -5.95
N GLY A 142 -5.77 21.39 -5.15
CA GLY A 142 -5.49 21.40 -3.73
C GLY A 142 -4.20 22.05 -3.27
N LEU A 143 -3.98 21.99 -1.96
CA LEU A 143 -2.82 22.58 -1.29
C LEU A 143 -1.47 22.17 -1.87
N ARG A 144 -0.62 23.18 -2.10
CA ARG A 144 0.71 22.98 -2.64
C ARG A 144 1.78 23.42 -1.67
N ALA A 145 1.57 24.57 -1.03
CA ALA A 145 2.54 25.12 -0.09
C ALA A 145 2.49 24.53 1.31
N ARG A 146 3.65 24.33 1.91
CA ARG A 146 3.76 23.80 3.27
C ARG A 146 3.43 24.91 4.26
N LEU A 147 2.27 24.83 4.87
CA LEU A 147 1.83 25.85 5.82
C LEU A 147 1.94 25.34 7.25
N GLN A 148 1.77 26.25 8.21
CA GLN A 148 1.85 25.89 9.61
C GLN A 148 0.98 26.81 10.44
N LEU A 149 0.26 26.23 11.40
CA LEU A 149 -0.58 27.01 12.30
C LEU A 149 0.30 27.27 13.51
N TYR A 150 0.25 28.49 14.06
CA TYR A 150 1.12 28.79 15.20
C TYR A 150 0.55 29.89 16.08
N ARG A 151 0.99 29.91 17.33
CA ARG A 151 0.53 30.90 18.29
C ARG A 151 1.34 32.17 18.14
N THR A 152 0.66 33.29 17.96
CA THR A 152 1.35 34.57 17.81
C THR A 152 1.64 35.12 19.20
N ARG A 153 2.20 36.33 19.26
CA ARG A 153 2.53 36.96 20.53
C ARG A 153 1.25 37.46 21.21
N ASP A 154 0.31 37.93 20.39
CA ASP A 154 -0.96 38.43 20.88
C ASP A 154 -1.79 37.36 21.58
N MET A 155 -1.20 36.18 21.76
CA MET A 155 -1.89 35.07 22.39
C MET A 155 -2.99 34.56 21.46
N GLY A 156 -2.94 34.99 20.20
CA GLY A 156 -3.92 34.56 19.22
C GLY A 156 -3.26 33.56 18.29
N TRP A 157 -4.00 33.06 17.30
CA TRP A 157 -3.42 32.10 16.37
C TRP A 157 -3.28 32.69 14.98
N GLY A 158 -2.33 32.16 14.23
CA GLY A 158 -2.08 32.61 12.88
C GLY A 158 -1.52 31.50 12.00
N VAL A 159 -1.38 31.81 10.72
CA VAL A 159 -0.87 30.85 9.75
C VAL A 159 0.35 31.45 9.06
N ARG A 160 1.31 30.61 8.70
CA ARG A 160 2.49 31.07 8.00
C ARG A 160 3.04 29.99 7.08
N SER A 161 3.83 30.42 6.09
CA SER A 161 4.43 29.49 5.14
C SER A 161 5.82 29.09 5.63
N LEU A 162 6.14 27.81 5.50
CA LEU A 162 7.43 27.29 5.91
C LEU A 162 8.36 27.19 4.71
N GLN A 163 7.98 27.88 3.64
CA GLN A 163 8.74 27.90 2.40
C GLN A 163 8.38 29.19 1.71
N ASP A 164 9.10 29.53 0.66
CA ASP A 164 8.80 30.75 -0.07
C ASP A 164 7.71 30.45 -1.09
N ILE A 165 6.83 31.43 -1.29
CA ILE A 165 5.74 31.29 -2.24
C ILE A 165 5.86 32.38 -3.29
N PRO A 166 6.16 32.00 -4.54
CA PRO A 166 6.27 33.01 -5.60
C PRO A 166 4.96 33.77 -5.73
N PRO A 167 5.00 34.97 -6.32
CA PRO A 167 3.76 35.74 -6.48
C PRO A 167 2.79 34.99 -7.38
N GLY A 168 1.50 35.30 -7.28
CA GLY A 168 0.50 34.65 -8.09
C GLY A 168 0.30 33.16 -7.85
N THR A 169 0.77 32.65 -6.72
CA THR A 169 0.58 31.24 -6.43
C THR A 169 -0.69 31.02 -5.62
N PHE A 170 -1.32 29.87 -5.83
CA PHE A 170 -2.52 29.51 -5.09
C PHE A 170 -2.05 28.96 -3.75
N VAL A 171 -2.51 29.58 -2.68
CA VAL A 171 -2.12 29.15 -1.34
C VAL A 171 -3.14 28.23 -0.69
N CYS A 172 -4.33 28.75 -0.41
CA CYS A 172 -5.39 27.96 0.20
C CYS A 172 -6.76 28.54 -0.14
N GLU A 173 -7.80 27.79 0.20
CA GLU A 173 -9.18 28.18 -0.05
C GLU A 173 -9.82 28.58 1.28
N TYR A 174 -10.82 29.46 1.25
CA TYR A 174 -11.50 29.81 2.49
C TYR A 174 -12.67 28.83 2.58
N VAL A 175 -12.49 27.78 3.37
CA VAL A 175 -13.53 26.76 3.52
C VAL A 175 -14.27 26.88 4.84
N GLY A 176 -15.60 26.69 4.78
CA GLY A 176 -16.41 26.78 5.97
C GLY A 176 -17.82 26.28 5.74
N GLU A 177 -18.75 26.75 6.56
CA GLU A 177 -20.14 26.35 6.42
C GLU A 177 -20.87 27.33 5.50
N LEU A 178 -21.47 26.81 4.44
CA LEU A 178 -22.18 27.64 3.48
C LEU A 178 -23.57 28.00 4.00
N ILE A 179 -23.83 29.30 4.16
CA ILE A 179 -25.13 29.72 4.66
C ILE A 179 -25.74 30.90 3.93
N SER A 180 -27.04 31.09 4.11
CA SER A 180 -27.75 32.19 3.46
C SER A 180 -27.53 33.50 4.20
N ASP A 181 -27.88 34.59 3.51
CA ASP A 181 -27.73 35.95 4.02
C ASP A 181 -28.34 36.13 5.40
N SER A 182 -29.66 35.91 5.49
CA SER A 182 -30.36 36.08 6.74
C SER A 182 -29.84 35.16 7.83
N GLU A 183 -29.54 33.92 7.44
CA GLU A 183 -29.01 32.93 8.37
C GLU A 183 -27.81 33.52 9.09
N ALA A 184 -27.03 34.31 8.37
CA ALA A 184 -25.84 34.94 8.95
C ALA A 184 -26.27 36.03 9.92
N ASP A 185 -27.35 36.71 9.60
CA ASP A 185 -27.85 37.80 10.44
C ASP A 185 -28.23 37.36 11.85
N VAL A 186 -28.55 36.08 12.04
CA VAL A 186 -28.94 35.61 13.36
C VAL A 186 -27.84 34.83 14.07
N ARG A 187 -26.59 35.16 13.76
CA ARG A 187 -25.48 34.50 14.42
C ARG A 187 -24.65 35.50 15.23
N GLU A 188 -24.52 35.22 16.52
CA GLU A 188 -23.76 36.09 17.41
C GLU A 188 -22.31 36.18 16.93
N GLU A 189 -21.59 35.07 17.05
CA GLU A 189 -20.20 35.01 16.62
C GLU A 189 -20.22 35.15 15.10
N ASP A 190 -19.74 36.29 14.61
CA ASP A 190 -19.72 36.56 13.19
C ASP A 190 -18.32 36.91 12.70
N SER A 191 -17.33 36.65 13.53
CA SER A 191 -15.96 36.96 13.19
C SER A 191 -15.34 36.01 12.17
N TYR A 192 -16.00 34.89 11.91
CA TYR A 192 -15.49 33.90 10.96
C TYR A 192 -16.24 33.85 9.65
N LEU A 193 -17.05 34.88 9.40
CA LEU A 193 -17.84 34.95 8.18
C LEU A 193 -17.04 35.46 7.00
N PHE A 194 -17.53 35.17 5.80
CA PHE A 194 -16.92 35.64 4.55
C PHE A 194 -18.08 35.78 3.59
N ASP A 195 -18.33 37.01 3.15
CA ASP A 195 -19.42 37.29 2.23
C ASP A 195 -19.02 36.90 0.81
N LEU A 196 -19.93 36.29 0.08
CA LEU A 196 -19.65 35.87 -1.30
C LEU A 196 -20.12 36.89 -2.33
N ASP A 197 -21.20 37.60 -2.01
CA ASP A 197 -21.78 38.62 -2.88
C ASP A 197 -21.90 38.17 -4.33
N GLY A 201 -28.97 39.58 -6.34
CA GLY A 201 -30.14 39.04 -5.65
C GLY A 201 -29.83 38.69 -4.18
N GLU A 202 -30.19 37.47 -3.79
CA GLU A 202 -29.94 36.99 -2.43
C GLU A 202 -28.47 36.59 -2.34
N VAL A 203 -27.82 36.93 -1.23
CA VAL A 203 -26.41 36.60 -1.06
C VAL A 203 -26.16 35.48 -0.06
N TYR A 204 -24.96 34.92 -0.13
CA TYR A 204 -24.58 33.83 0.75
C TYR A 204 -23.25 34.09 1.44
N CYS A 205 -22.98 33.32 2.48
CA CYS A 205 -21.76 33.46 3.24
C CYS A 205 -21.13 32.12 3.54
N ILE A 206 -19.92 32.19 4.06
CA ILE A 206 -19.20 31.02 4.49
C ILE A 206 -18.82 31.35 5.92
N ASP A 207 -19.31 30.55 6.85
CA ASP A 207 -19.01 30.76 8.27
C ASP A 207 -18.04 29.66 8.69
N ALA A 208 -16.85 30.05 9.12
CA ALA A 208 -15.84 29.09 9.52
C ALA A 208 -15.75 28.90 11.03
N ARG A 209 -16.72 29.44 11.75
CA ARG A 209 -16.72 29.32 13.21
C ARG A 209 -16.78 27.89 13.70
N PHE A 210 -17.79 27.14 13.27
CA PHE A 210 -17.96 25.77 13.70
C PHE A 210 -17.37 24.78 12.72
N TYR A 211 -17.37 25.15 11.44
CA TYR A 211 -16.82 24.31 10.38
C TYR A 211 -15.88 25.11 9.49
N GLY A 212 -14.63 24.68 9.40
CA GLY A 212 -13.67 25.40 8.58
C GLY A 212 -12.32 24.72 8.35
N ASN A 213 -11.52 25.31 7.47
CA ASN A 213 -10.19 24.78 7.18
C ASN A 213 -9.15 25.76 7.72
N VAL A 214 -7.88 25.55 7.37
CA VAL A 214 -6.79 26.39 7.84
C VAL A 214 -7.03 27.90 7.63
N SER A 215 -7.96 28.26 6.76
CA SER A 215 -8.21 29.68 6.49
C SER A 215 -8.84 30.46 7.63
N ARG A 216 -9.65 29.80 8.45
CA ARG A 216 -10.30 30.49 9.56
C ARG A 216 -9.27 31.14 10.50
N PHE A 217 -8.05 30.60 10.47
CA PHE A 217 -6.97 31.10 11.33
C PHE A 217 -6.10 32.18 10.70
N ILE A 218 -6.39 32.57 9.46
CA ILE A 218 -5.58 33.61 8.83
C ILE A 218 -6.02 35.00 9.29
N ASN A 219 -5.08 35.74 9.85
CA ASN A 219 -5.35 37.08 10.36
C ASN A 219 -5.45 38.18 9.32
N HIS A 220 -6.10 39.27 9.71
CA HIS A 220 -6.27 40.43 8.84
C HIS A 220 -4.98 41.21 8.67
N HIS A 221 -4.86 41.88 7.53
CA HIS A 221 -3.69 42.70 7.24
C HIS A 221 -4.07 43.75 6.19
N CYS A 222 -3.63 44.99 6.41
CA CYS A 222 -3.96 46.09 5.49
C CYS A 222 -3.16 46.09 4.18
N GLU A 223 -1.97 45.49 4.19
CA GLU A 223 -1.15 45.38 2.98
C GLU A 223 -0.91 43.87 2.86
N PRO A 224 -1.98 43.12 2.53
CA PRO A 224 -2.03 41.66 2.37
C PRO A 224 -1.20 41.00 1.29
N ASN A 225 -0.63 39.85 1.64
CA ASN A 225 0.17 39.05 0.72
C ASN A 225 -0.74 37.95 0.14
N LEU A 226 -2.02 38.01 0.49
CA LEU A 226 -2.98 37.04 -0.03
C LEU A 226 -4.20 37.81 -0.53
N VAL A 227 -4.69 37.42 -1.69
CA VAL A 227 -5.87 38.06 -2.27
C VAL A 227 -6.92 36.99 -2.57
N PRO A 228 -8.18 37.24 -2.18
CA PRO A 228 -9.22 36.25 -2.44
C PRO A 228 -9.74 36.36 -3.87
N VAL A 229 -9.95 35.22 -4.49
CA VAL A 229 -10.45 35.18 -5.85
C VAL A 229 -11.65 34.26 -5.97
N ARG A 230 -12.77 34.79 -6.48
CA ARG A 230 -13.97 33.98 -6.67
C ARG A 230 -13.72 33.04 -7.86
N VAL A 231 -13.74 31.74 -7.58
CA VAL A 231 -13.48 30.72 -8.60
C VAL A 231 -14.63 29.72 -8.75
N PHE A 232 -14.67 29.05 -9.90
CA PHE A 232 -15.68 28.05 -10.18
C PHE A 232 -15.02 26.84 -10.80
N MET A 233 -15.41 25.66 -10.33
CA MET A 233 -14.83 24.44 -10.85
C MET A 233 -15.85 23.37 -11.22
N ALA A 234 -16.20 22.48 -10.30
CA ALA A 234 -17.15 21.42 -10.59
C ALA A 234 -18.54 21.91 -10.95
N HIS A 235 -18.91 23.09 -10.46
CA HIS A 235 -20.22 23.66 -10.77
C HIS A 235 -20.05 25.13 -11.10
N GLN A 236 -21.06 25.72 -11.74
CA GLN A 236 -20.97 27.12 -12.11
C GLN A 236 -22.16 27.93 -11.60
N ASP A 237 -22.64 27.58 -10.42
CA ASP A 237 -23.75 28.29 -9.80
C ASP A 237 -23.15 29.59 -9.22
N LEU A 238 -23.38 30.69 -9.91
CA LEU A 238 -22.83 32.00 -9.52
C LEU A 238 -23.12 32.50 -8.10
N ARG A 239 -24.08 31.88 -7.43
CA ARG A 239 -24.42 32.26 -6.05
C ARG A 239 -23.37 31.70 -5.11
N PHE A 240 -22.68 30.65 -5.55
CA PHE A 240 -21.72 29.99 -4.69
C PHE A 240 -20.29 29.90 -5.20
N PRO A 241 -19.62 31.04 -5.38
CA PRO A 241 -18.25 30.95 -5.85
C PRO A 241 -17.45 30.35 -4.70
N ARG A 242 -16.30 29.77 -5.02
CA ARG A 242 -15.44 29.25 -3.97
C ARG A 242 -14.34 30.29 -3.83
N ILE A 243 -13.87 30.48 -2.61
CA ILE A 243 -12.85 31.49 -2.32
C ILE A 243 -11.42 30.98 -2.30
N ALA A 244 -10.65 31.38 -3.31
CA ALA A 244 -9.26 30.99 -3.44
C ALA A 244 -8.32 32.14 -3.10
N PHE A 245 -7.36 31.89 -2.22
CA PHE A 245 -6.38 32.90 -1.84
C PHE A 245 -5.12 32.74 -2.67
N PHE A 246 -4.66 33.84 -3.25
CA PHE A 246 -3.45 33.86 -4.07
C PHE A 246 -2.45 34.87 -3.50
N SER A 247 -1.16 34.55 -3.62
CA SER A 247 -0.11 35.42 -3.13
C SER A 247 -0.03 36.69 -4.00
N THR A 248 -0.17 37.85 -3.36
CA THR A 248 -0.12 39.12 -4.08
C THR A 248 1.33 39.58 -4.28
N ARG A 249 2.27 38.75 -3.87
CA ARG A 249 3.69 39.05 -3.99
C ARG A 249 4.45 37.88 -3.36
N LEU A 250 5.78 37.92 -3.42
CA LEU A 250 6.58 36.85 -2.83
C LEU A 250 6.29 36.78 -1.33
N ILE A 251 6.37 35.57 -0.78
CA ILE A 251 6.13 35.33 0.65
C ILE A 251 7.28 34.47 1.11
N GLU A 252 8.03 34.98 2.09
CA GLU A 252 9.21 34.29 2.59
C GLU A 252 8.95 33.24 3.67
N ALA A 253 9.73 32.17 3.62
CA ALA A 253 9.60 31.09 4.58
C ALA A 253 9.55 31.66 6.01
N GLY A 254 8.42 31.47 6.68
CA GLY A 254 8.27 31.97 8.03
C GLY A 254 7.35 33.19 8.09
N GLU A 255 7.11 33.82 6.96
CA GLU A 255 6.25 35.00 6.90
C GLU A 255 4.82 34.57 7.27
N GLN A 256 4.04 35.48 7.84
CA GLN A 256 2.66 35.18 8.22
C GLN A 256 1.64 35.59 7.16
N LEU A 257 0.82 34.63 6.73
CA LEU A 257 -0.20 34.90 5.72
C LEU A 257 -1.23 35.87 6.27
N GLY A 258 -1.81 36.67 5.37
CA GLY A 258 -2.83 37.62 5.79
C GLY A 258 -3.62 38.17 4.62
N PHE A 259 -4.81 38.70 4.89
CA PHE A 259 -5.60 39.28 3.82
C PHE A 259 -6.54 40.36 4.39
N ASP A 260 -7.07 41.21 3.53
CA ASP A 260 -7.95 42.29 3.94
C ASP A 260 -9.38 41.83 4.23
N TYR A 261 -9.74 41.81 5.51
CA TYR A 261 -11.07 41.40 5.92
C TYR A 261 -12.14 42.27 5.28
N GLY A 262 -11.85 43.55 5.05
CA GLY A 262 -12.83 44.41 4.42
C GLY A 262 -13.63 45.38 5.26
N GLU A 263 -14.41 46.21 4.57
CA GLU A 263 -15.23 47.24 5.21
C GLU A 263 -16.28 46.73 6.19
N ARG A 264 -17.14 45.81 5.74
CA ARG A 264 -18.19 45.31 6.62
C ARG A 264 -17.65 44.84 7.96
N PHE A 265 -16.53 44.13 7.94
CA PHE A 265 -15.92 43.64 9.16
C PHE A 265 -15.62 44.77 10.13
N TRP A 266 -14.77 45.70 9.70
CA TRP A 266 -14.36 46.82 10.54
C TRP A 266 -15.43 47.83 10.93
N ASP A 267 -16.51 47.91 10.16
CA ASP A 267 -17.58 48.83 10.50
C ASP A 267 -18.39 48.19 11.62
N ILE A 268 -17.94 47.03 12.07
CA ILE A 268 -18.60 46.28 13.14
C ILE A 268 -17.65 45.97 14.29
N LYS A 269 -16.43 45.57 13.96
CA LYS A 269 -15.43 45.23 14.97
C LYS A 269 -14.47 46.38 15.22
N GLY A 270 -14.53 47.41 14.37
CA GLY A 270 -13.64 48.55 14.52
C GLY A 270 -13.75 49.21 15.87
N LYS A 271 -14.91 49.07 16.51
CA LYS A 271 -15.16 49.66 17.82
C LYS A 271 -14.86 48.72 18.99
N LEU A 272 -14.83 47.43 18.74
CA LEU A 272 -14.53 46.46 19.80
C LEU A 272 -13.02 46.45 19.99
N PHE A 273 -12.31 46.99 19.01
CA PHE A 273 -10.84 47.09 19.01
C PHE A 273 -10.35 47.72 17.72
N SER A 274 -9.08 48.10 17.70
CA SER A 274 -8.46 48.72 16.52
C SER A 274 -7.48 47.72 15.93
N CYS A 275 -7.32 47.76 14.61
CA CYS A 275 -6.42 46.84 13.93
C CYS A 275 -4.98 46.89 14.43
N ARG A 276 -4.45 45.73 14.77
CA ARG A 276 -3.09 45.62 15.25
C ARG A 276 -2.22 44.94 14.20
N CYS A 277 -2.52 45.18 12.92
CA CYS A 277 -1.75 44.56 11.85
C CYS A 277 -0.33 45.12 11.74
N GLY A 278 -0.14 46.36 12.17
CA GLY A 278 1.18 46.98 12.14
C GLY A 278 1.64 47.45 10.77
N SER A 279 0.69 47.74 9.89
CA SER A 279 1.01 48.21 8.55
C SER A 279 1.02 49.72 8.50
N PRO A 280 2.05 50.31 7.87
CA PRO A 280 2.17 51.76 7.76
C PRO A 280 0.94 52.39 7.13
N LYS A 281 0.20 51.59 6.35
CA LYS A 281 -1.01 52.08 5.69
C LYS A 281 -2.31 51.62 6.35
N CYS A 282 -2.21 51.12 7.58
CA CYS A 282 -3.40 50.64 8.30
C CYS A 282 -4.51 51.67 8.27
N ARG A 283 -5.69 51.23 7.84
CA ARG A 283 -6.85 52.12 7.76
C ARG A 283 -7.86 51.75 8.82
N HIS A 284 -7.44 51.06 9.87
CA HIS A 284 -8.37 50.65 10.92
C HIS A 284 -7.91 50.77 12.37
N SER A 285 -6.73 51.37 12.57
CA SER A 285 -6.21 51.56 13.93
C SER A 285 -6.11 53.07 14.23
N GLU B 26 -1.09 -5.55 -29.64
CA GLU B 26 -2.32 -4.78 -29.32
C GLU B 26 -2.25 -3.37 -29.92
N ARG B 27 -3.28 -3.00 -30.68
CA ARG B 27 -3.34 -1.68 -31.31
C ARG B 27 -4.01 -0.66 -30.38
N ILE B 28 -3.19 0.15 -29.72
CA ILE B 28 -3.67 1.17 -28.80
C ILE B 28 -4.56 2.22 -29.45
N VAL B 29 -5.85 2.22 -29.10
CA VAL B 29 -6.79 3.19 -29.64
C VAL B 29 -7.07 4.31 -28.63
N SER B 30 -6.29 4.32 -27.55
CA SER B 30 -6.39 5.34 -26.50
C SER B 30 -5.51 5.00 -25.30
N ARG B 31 -4.70 5.96 -24.88
CA ARG B 31 -3.79 5.75 -23.76
C ARG B 31 -4.51 5.84 -22.43
N ASP B 32 -5.70 6.44 -22.40
CA ASP B 32 -6.47 6.57 -21.17
C ASP B 32 -7.88 7.13 -21.45
N ILE B 33 -8.90 6.29 -21.37
CA ILE B 33 -10.26 6.75 -21.64
C ILE B 33 -10.83 7.70 -20.59
N ALA B 34 -10.19 7.76 -19.42
CA ALA B 34 -10.66 8.65 -18.37
C ALA B 34 -9.92 9.98 -18.42
N ARG B 35 -9.03 10.14 -19.40
CA ARG B 35 -8.27 11.38 -19.58
C ARG B 35 -7.60 11.93 -18.33
N GLY B 36 -7.01 11.05 -17.53
CA GLY B 36 -6.34 11.50 -16.32
C GLY B 36 -7.20 11.66 -15.08
N TYR B 37 -8.49 11.33 -15.17
CA TYR B 37 -9.37 11.47 -14.02
C TYR B 37 -9.23 10.37 -12.95
N GLU B 38 -8.89 9.15 -13.35
CA GLU B 38 -8.72 8.07 -12.36
C GLU B 38 -7.27 8.11 -11.91
N ARG B 39 -6.96 7.43 -10.81
CA ARG B 39 -5.60 7.40 -10.26
C ARG B 39 -4.65 6.62 -11.18
N ILE B 40 -5.22 5.71 -11.94
CA ILE B 40 -4.45 4.89 -12.88
C ILE B 40 -5.17 4.91 -14.23
N PRO B 41 -4.45 5.27 -15.31
CA PRO B 41 -5.03 5.33 -16.64
C PRO B 41 -5.79 4.05 -17.01
N ILE B 42 -6.74 4.19 -17.93
CA ILE B 42 -7.51 3.05 -18.41
C ILE B 42 -7.36 3.02 -19.93
N PRO B 43 -6.38 2.25 -20.42
CA PRO B 43 -6.11 2.11 -21.86
C PRO B 43 -7.20 1.39 -22.62
N CYS B 44 -7.26 1.64 -23.93
CA CYS B 44 -8.22 0.99 -24.80
C CYS B 44 -7.46 0.39 -25.98
N VAL B 45 -7.73 -0.88 -26.26
CA VAL B 45 -7.07 -1.58 -27.35
C VAL B 45 -8.08 -2.30 -28.22
N ASN B 46 -7.70 -2.57 -29.47
CA ASN B 46 -8.57 -3.30 -30.40
C ASN B 46 -7.72 -4.17 -31.31
N ALA B 47 -8.02 -5.46 -31.33
CA ALA B 47 -7.32 -6.42 -32.16
C ALA B 47 -8.34 -7.41 -32.69
N VAL B 48 -9.57 -6.94 -32.86
CA VAL B 48 -10.65 -7.75 -33.34
C VAL B 48 -11.25 -7.15 -34.61
N ASP B 49 -11.10 -5.84 -34.79
CA ASP B 49 -11.63 -5.19 -35.97
C ASP B 49 -11.25 -3.73 -36.16
N SER B 50 -12.11 -3.01 -36.87
CA SER B 50 -11.91 -1.60 -37.18
C SER B 50 -12.39 -0.69 -36.06
N GLU B 51 -13.67 -0.82 -35.71
CA GLU B 51 -14.32 -0.04 -34.67
C GLU B 51 -13.35 0.75 -33.78
N PRO B 52 -13.43 2.08 -33.83
CA PRO B 52 -12.54 2.91 -33.01
C PRO B 52 -12.98 2.97 -31.55
N CYS B 53 -12.20 3.68 -30.75
CA CYS B 53 -12.48 3.83 -29.33
C CYS B 53 -13.85 4.48 -29.09
N PRO B 54 -14.69 3.83 -28.27
CA PRO B 54 -16.03 4.34 -27.95
C PRO B 54 -15.99 5.81 -27.60
N SER B 55 -16.96 6.58 -28.12
CA SER B 55 -17.02 8.00 -27.86
C SER B 55 -18.44 8.51 -28.01
N ASN B 56 -19.41 7.59 -27.93
CA ASN B 56 -20.82 7.93 -28.06
C ASN B 56 -21.40 8.17 -26.68
N TYR B 57 -20.53 8.51 -25.73
CA TYR B 57 -20.94 8.78 -24.36
C TYR B 57 -19.86 9.68 -23.79
N LYS B 58 -20.11 10.22 -22.61
CA LYS B 58 -19.15 11.10 -21.95
C LYS B 58 -18.60 10.39 -20.73
N TYR B 59 -17.28 10.26 -20.65
CA TYR B 59 -16.68 9.61 -19.51
C TYR B 59 -16.64 10.56 -18.32
N VAL B 60 -17.18 10.11 -17.18
CA VAL B 60 -17.14 10.88 -15.94
C VAL B 60 -16.68 9.91 -14.85
N SER B 61 -15.78 10.36 -13.98
CA SER B 61 -15.27 9.47 -12.94
C SER B 61 -16.18 9.39 -11.71
N GLN B 62 -17.18 10.26 -11.65
CA GLN B 62 -18.10 10.25 -10.52
C GLN B 62 -19.51 10.55 -10.99
N ASN B 63 -20.50 10.03 -10.27
CA ASN B 63 -21.90 10.22 -10.63
C ASN B 63 -22.26 11.68 -10.84
N CYS B 64 -23.22 11.90 -11.71
CA CYS B 64 -23.69 13.23 -12.01
C CYS B 64 -25.21 13.19 -12.09
N VAL B 65 -25.83 14.36 -12.13
CA VAL B 65 -27.28 14.47 -12.24
C VAL B 65 -27.59 15.46 -13.35
N THR B 66 -28.78 15.32 -13.93
CA THR B 66 -29.19 16.22 -15.01
C THR B 66 -30.49 16.90 -14.60
N SER B 67 -30.61 17.16 -13.31
CA SER B 67 -31.79 17.80 -12.77
C SER B 67 -31.50 18.16 -11.31
N PRO B 68 -32.45 18.82 -10.64
CA PRO B 68 -32.16 19.14 -9.25
C PRO B 68 -32.21 17.79 -8.59
N MET B 69 -31.47 17.60 -7.51
CA MET B 69 -31.46 16.32 -6.82
C MET B 69 -31.23 16.60 -5.35
N ASN B 70 -32.33 16.58 -4.60
CA ASN B 70 -32.31 16.87 -3.18
C ASN B 70 -31.54 15.89 -2.30
N ILE B 71 -30.37 15.45 -2.75
CA ILE B 71 -29.58 14.53 -1.93
C ILE B 71 -29.26 15.24 -0.62
N ASP B 72 -29.65 14.63 0.50
CA ASP B 72 -29.41 15.24 1.79
C ASP B 72 -27.91 15.28 2.06
N ARG B 73 -27.34 16.48 2.06
CA ARG B 73 -25.92 16.65 2.33
C ARG B 73 -25.72 17.47 3.59
N ASN B 74 -26.72 17.42 4.47
CA ASN B 74 -26.65 18.15 5.73
C ASN B 74 -25.62 17.42 6.62
N ILE B 75 -24.48 18.05 6.84
CA ILE B 75 -23.43 17.43 7.65
C ILE B 75 -23.91 16.96 9.04
N THR B 76 -24.94 17.62 9.60
CA THR B 76 -25.44 17.22 10.91
C THR B 76 -26.29 15.95 10.82
N HIS B 77 -26.68 15.58 9.60
CA HIS B 77 -27.47 14.36 9.43
C HIS B 77 -26.57 13.15 9.25
N LEU B 78 -25.27 13.38 9.25
CA LEU B 78 -24.31 12.31 9.09
C LEU B 78 -24.06 11.58 10.40
N GLN B 79 -24.13 10.25 10.36
CA GLN B 79 -23.81 9.48 11.56
C GLN B 79 -22.30 9.33 11.41
N TYR B 80 -21.58 9.29 12.52
CA TYR B 80 -20.14 9.19 12.42
C TYR B 80 -19.48 8.61 13.66
N CYS B 81 -18.22 8.26 13.52
CA CYS B 81 -17.48 7.69 14.62
C CYS B 81 -16.60 8.75 15.26
N VAL B 82 -16.23 8.51 16.51
CA VAL B 82 -15.34 9.43 17.24
C VAL B 82 -14.11 8.67 17.67
N CYS B 83 -13.66 7.77 16.81
CA CYS B 83 -12.47 6.98 17.06
C CYS B 83 -11.23 7.86 17.05
N ILE B 84 -10.23 7.47 17.82
CA ILE B 84 -8.97 8.20 17.88
C ILE B 84 -7.88 7.25 17.41
N ASP B 85 -8.28 6.02 17.12
CA ASP B 85 -7.38 4.96 16.66
C ASP B 85 -7.53 4.78 15.14
N ASP B 86 -7.23 3.58 14.64
CA ASP B 86 -7.35 3.32 13.21
C ASP B 86 -8.73 2.77 12.86
N CYS B 87 -9.68 2.97 13.78
CA CYS B 87 -11.04 2.49 13.59
C CYS B 87 -11.10 0.99 13.38
N SER B 88 -10.52 0.25 14.33
CA SER B 88 -10.53 -1.20 14.28
C SER B 88 -11.42 -1.69 15.43
N SER B 89 -11.69 -0.79 16.37
CA SER B 89 -12.54 -1.11 17.51
C SER B 89 -13.99 -1.31 17.05
N SER B 90 -14.72 -2.13 17.79
CA SER B 90 -16.11 -2.40 17.46
C SER B 90 -16.95 -1.22 17.98
N ASN B 91 -16.26 -0.24 18.57
CA ASN B 91 -16.91 0.95 19.09
C ASN B 91 -17.14 1.93 17.96
N CYS B 92 -16.51 1.66 16.83
CA CYS B 92 -16.63 2.49 15.64
C CYS B 92 -18.06 2.43 15.12
N MET B 93 -18.78 3.55 15.25
CA MET B 93 -20.16 3.65 14.80
C MET B 93 -20.30 3.23 13.34
N CYS B 94 -19.39 3.73 12.52
CA CYS B 94 -19.39 3.43 11.09
C CYS B 94 -19.32 1.93 10.81
N GLY B 95 -18.54 1.23 11.63
CA GLY B 95 -18.41 -0.20 11.46
C GLY B 95 -19.69 -0.88 11.89
N GLN B 96 -20.34 -0.34 12.92
CA GLN B 96 -21.58 -0.91 13.42
C GLN B 96 -22.69 -0.76 12.40
N LEU B 97 -22.77 0.40 11.76
CA LEU B 97 -23.79 0.65 10.75
C LEU B 97 -23.61 -0.34 9.58
N SER B 98 -22.38 -0.81 9.40
CA SER B 98 -22.07 -1.75 8.33
C SER B 98 -22.14 -3.16 8.92
N MET B 99 -22.55 -3.23 10.18
CA MET B 99 -22.62 -4.48 10.95
C MET B 99 -21.24 -4.68 11.58
N ARG B 100 -20.22 -4.53 10.75
CA ARG B 100 -18.83 -4.64 11.19
C ARG B 100 -17.98 -4.13 10.04
N CYS B 101 -16.79 -3.65 10.34
CA CYS B 101 -15.90 -3.16 9.29
C CYS B 101 -15.35 -4.42 8.64
N TRP B 102 -15.55 -4.57 7.33
CA TRP B 102 -15.10 -5.76 6.61
C TRP B 102 -13.77 -5.63 5.90
N TYR B 103 -13.05 -4.54 6.13
CA TYR B 103 -11.76 -4.37 5.46
C TYR B 103 -10.56 -4.80 6.31
N ASP B 104 -9.68 -5.63 5.74
CA ASP B 104 -8.46 -6.03 6.46
C ASP B 104 -7.45 -4.88 6.29
N LYS B 105 -6.27 -4.97 6.88
CA LYS B 105 -5.31 -3.88 6.78
C LYS B 105 -4.86 -3.50 5.37
N ASP B 106 -5.16 -4.35 4.38
CA ASP B 106 -4.76 -4.07 3.00
C ASP B 106 -5.94 -3.52 2.21
N GLY B 107 -7.06 -3.32 2.91
CA GLY B 107 -8.25 -2.79 2.28
C GLY B 107 -9.09 -3.82 1.56
N ARG B 108 -8.88 -5.10 1.86
CA ARG B 108 -9.65 -6.16 1.21
C ARG B 108 -10.75 -6.71 2.11
N LEU B 109 -11.83 -7.18 1.49
CA LEU B 109 -12.96 -7.74 2.21
C LEU B 109 -12.59 -9.02 2.95
N LEU B 110 -13.01 -9.11 4.20
CA LEU B 110 -12.76 -10.30 5.03
C LEU B 110 -13.42 -11.52 4.39
N PRO B 111 -12.90 -12.72 4.65
CA PRO B 111 -13.43 -13.97 4.11
C PRO B 111 -14.87 -14.27 4.55
N GLU B 112 -15.30 -13.66 5.65
CA GLU B 112 -16.64 -13.84 6.19
C GLU B 112 -17.69 -12.93 5.55
N PHE B 113 -17.26 -12.08 4.63
CA PHE B 113 -18.17 -11.16 3.96
C PHE B 113 -19.16 -11.97 3.12
N ASN B 114 -20.45 -11.73 3.33
CA ASN B 114 -21.50 -12.45 2.60
C ASN B 114 -21.56 -11.92 1.16
N MET B 115 -20.96 -12.65 0.23
CA MET B 115 -20.94 -12.25 -1.16
C MET B 115 -22.24 -12.52 -1.92
N ALA B 116 -23.11 -13.34 -1.36
CA ALA B 116 -24.38 -13.63 -2.02
C ALA B 116 -25.45 -12.62 -1.61
N GLU B 117 -25.30 -12.06 -0.43
CA GLU B 117 -26.23 -11.07 0.09
C GLU B 117 -25.41 -10.00 0.79
N PRO B 118 -24.76 -9.12 0.02
CA PRO B 118 -23.91 -8.04 0.53
C PRO B 118 -24.63 -7.05 1.45
N PRO B 119 -24.01 -6.76 2.60
CA PRO B 119 -24.58 -5.83 3.57
C PRO B 119 -24.21 -4.39 3.18
N LEU B 120 -25.02 -3.41 3.56
CA LEU B 120 -24.69 -2.03 3.24
C LEU B 120 -23.36 -1.68 3.93
N ILE B 121 -22.50 -0.94 3.24
CA ILE B 121 -21.25 -0.54 3.85
C ILE B 121 -21.18 0.96 4.00
N PHE B 122 -20.83 1.40 5.20
CA PHE B 122 -20.69 2.82 5.52
C PHE B 122 -19.22 3.07 5.80
N GLU B 123 -18.57 3.83 4.92
CA GLU B 123 -17.17 4.14 5.15
C GLU B 123 -17.11 5.39 6.02
N CYS B 124 -15.98 5.60 6.68
CA CYS B 124 -15.86 6.77 7.51
C CYS B 124 -15.91 8.01 6.60
N ASN B 125 -16.35 9.13 7.16
CA ASN B 125 -16.51 10.35 6.38
C ASN B 125 -15.86 11.55 7.04
N HIS B 126 -16.00 12.72 6.41
CA HIS B 126 -15.40 13.93 6.95
C HIS B 126 -15.95 14.36 8.32
N ALA B 127 -17.09 13.82 8.73
CA ALA B 127 -17.61 14.20 10.03
C ALA B 127 -16.86 13.42 11.11
N CYS B 128 -16.41 12.22 10.78
CA CYS B 128 -15.68 11.39 11.73
C CYS B 128 -14.47 12.12 12.26
N SER B 129 -14.04 11.72 13.46
CA SER B 129 -12.90 12.34 14.10
C SER B 129 -11.62 11.59 13.76
N CYS B 130 -11.75 10.48 13.05
CA CYS B 130 -10.58 9.67 12.68
C CYS B 130 -9.78 10.29 11.53
N TRP B 131 -8.60 9.71 11.26
CA TRP B 131 -7.73 10.21 10.19
C TRP B 131 -8.11 9.69 8.80
N ARG B 132 -7.73 10.46 7.79
CA ARG B 132 -8.04 10.11 6.40
C ARG B 132 -7.52 8.74 5.97
N ASN B 133 -6.67 8.13 6.80
CA ASN B 133 -6.10 6.83 6.46
C ASN B 133 -6.53 5.73 7.42
N CYS B 134 -7.72 5.89 8.00
CA CYS B 134 -8.22 4.89 8.94
C CYS B 134 -8.58 3.61 8.18
N ARG B 135 -8.86 2.54 8.92
CA ARG B 135 -9.21 1.27 8.30
C ARG B 135 -10.45 1.30 7.43
N ASN B 136 -11.47 2.02 7.87
CA ASN B 136 -12.74 2.08 7.15
C ASN B 136 -12.84 3.00 5.95
N ARG B 137 -11.84 2.95 5.07
CA ARG B 137 -11.84 3.81 3.87
C ARG B 137 -11.18 3.05 2.71
N VAL B 138 -11.97 2.62 1.74
CA VAL B 138 -11.44 1.90 0.59
C VAL B 138 -11.99 2.50 -0.68
N VAL B 139 -13.29 2.36 -0.86
CA VAL B 139 -13.99 2.89 -2.03
C VAL B 139 -13.70 4.38 -2.28
N GLN B 140 -13.65 5.16 -1.21
CA GLN B 140 -13.40 6.58 -1.35
C GLN B 140 -12.00 6.90 -1.84
N ASN B 141 -11.17 5.87 -1.98
CA ASN B 141 -9.81 6.08 -2.45
C ASN B 141 -9.66 5.89 -3.95
N GLY B 142 -10.74 5.51 -4.61
CA GLY B 142 -10.69 5.35 -6.04
C GLY B 142 -9.91 4.17 -6.61
N LEU B 143 -9.86 4.14 -7.93
CA LEU B 143 -9.20 3.11 -8.72
C LEU B 143 -7.79 2.77 -8.24
N ARG B 144 -7.53 1.48 -8.06
CA ARG B 144 -6.21 1.03 -7.61
C ARG B 144 -5.74 -0.22 -8.36
N ALA B 145 -6.43 -0.56 -9.44
CA ALA B 145 -6.06 -1.71 -10.25
C ALA B 145 -5.93 -1.26 -11.69
N ARG B 146 -4.98 -1.84 -12.41
CA ARG B 146 -4.74 -1.51 -13.81
C ARG B 146 -5.73 -2.26 -14.69
N LEU B 147 -6.65 -1.52 -15.31
CA LEU B 147 -7.66 -2.12 -16.16
C LEU B 147 -7.48 -1.73 -17.61
N GLN B 148 -8.27 -2.34 -18.47
CA GLN B 148 -8.19 -2.05 -19.89
C GLN B 148 -9.51 -2.26 -20.61
N LEU B 149 -9.84 -1.35 -21.52
CA LEU B 149 -11.05 -1.49 -22.32
C LEU B 149 -10.56 -2.22 -23.57
N TYR B 150 -11.26 -3.25 -23.99
CA TYR B 150 -10.83 -3.98 -25.17
C TYR B 150 -11.98 -4.51 -25.99
N ARG B 151 -11.69 -4.79 -27.26
CA ARG B 151 -12.68 -5.31 -28.20
C ARG B 151 -12.74 -6.84 -28.06
N THR B 152 -13.91 -7.34 -27.69
CA THR B 152 -14.12 -8.76 -27.50
C THR B 152 -14.38 -9.46 -28.83
N ARG B 153 -14.15 -10.76 -28.84
CA ARG B 153 -14.34 -11.61 -30.02
C ARG B 153 -15.72 -11.41 -30.65
N ASP B 154 -16.73 -11.19 -29.82
CA ASP B 154 -18.10 -10.99 -30.29
C ASP B 154 -18.25 -9.61 -30.94
N MET B 155 -17.13 -8.90 -31.07
CA MET B 155 -17.12 -7.56 -31.65
C MET B 155 -17.85 -6.58 -30.74
N GLY B 156 -17.70 -6.78 -29.44
CA GLY B 156 -18.31 -5.90 -28.46
C GLY B 156 -17.16 -5.36 -27.63
N TRP B 157 -17.45 -4.57 -26.62
CA TRP B 157 -16.38 -4.07 -25.78
C TRP B 157 -16.50 -4.73 -24.42
N GLY B 158 -15.37 -4.90 -23.76
CA GLY B 158 -15.36 -5.51 -22.45
C GLY B 158 -14.20 -4.94 -21.66
N VAL B 159 -14.11 -5.33 -20.39
CA VAL B 159 -13.03 -4.85 -19.55
C VAL B 159 -12.25 -6.02 -18.98
N ARG B 160 -10.93 -5.88 -18.93
CA ARG B 160 -10.08 -6.90 -18.38
C ARG B 160 -9.07 -6.26 -17.45
N SER B 161 -8.49 -7.07 -16.56
CA SER B 161 -7.49 -6.59 -15.63
C SER B 161 -6.13 -6.85 -16.28
N LEU B 162 -5.14 -6.03 -15.95
CA LEU B 162 -3.82 -6.20 -16.52
C LEU B 162 -2.85 -6.70 -15.45
N GLN B 163 -3.40 -7.00 -14.28
CA GLN B 163 -2.60 -7.48 -13.17
C GLN B 163 -3.44 -8.54 -12.47
N ASP B 164 -2.87 -9.16 -11.45
CA ASP B 164 -3.62 -10.14 -10.69
C ASP B 164 -4.34 -9.37 -9.58
N ILE B 165 -5.65 -9.60 -9.48
CA ILE B 165 -6.46 -8.94 -8.46
C ILE B 165 -6.90 -9.95 -7.42
N PRO B 166 -6.33 -9.87 -6.22
CA PRO B 166 -6.67 -10.78 -5.12
C PRO B 166 -8.19 -10.72 -4.85
N PRO B 167 -8.72 -11.74 -4.16
CA PRO B 167 -10.16 -11.75 -3.86
C PRO B 167 -10.52 -10.66 -2.85
N GLY B 168 -11.75 -10.15 -2.93
CA GLY B 168 -12.18 -9.13 -2.00
C GLY B 168 -11.59 -7.74 -2.22
N THR B 169 -11.02 -7.51 -3.40
CA THR B 169 -10.43 -6.21 -3.69
C THR B 169 -11.43 -5.29 -4.40
N PHE B 170 -11.37 -3.99 -4.09
CA PHE B 170 -12.23 -3.01 -4.72
C PHE B 170 -11.71 -2.77 -6.13
N VAL B 171 -12.49 -3.13 -7.13
CA VAL B 171 -12.07 -2.97 -8.51
C VAL B 171 -12.48 -1.62 -9.07
N CYS B 172 -13.78 -1.33 -9.04
CA CYS B 172 -14.27 -0.05 -9.54
C CYS B 172 -15.72 0.25 -9.17
N GLU B 173 -16.13 1.49 -9.40
CA GLU B 173 -17.48 1.93 -9.09
C GLU B 173 -18.33 1.97 -10.34
N TYR B 174 -19.61 1.67 -10.21
CA TYR B 174 -20.51 1.75 -11.36
C TYR B 174 -21.00 3.19 -11.31
N VAL B 175 -20.47 4.01 -12.22
CA VAL B 175 -20.77 5.42 -12.27
C VAL B 175 -21.58 5.86 -13.49
N GLY B 176 -22.46 6.85 -13.28
CA GLY B 176 -23.27 7.35 -14.36
C GLY B 176 -24.20 8.49 -13.97
N GLU B 177 -25.26 8.63 -14.73
CA GLU B 177 -26.28 9.66 -14.53
C GLU B 177 -27.26 9.20 -13.45
N LEU B 178 -27.41 9.98 -12.40
CA LEU B 178 -28.33 9.62 -11.34
C LEU B 178 -29.73 10.07 -11.74
N ILE B 179 -30.67 9.13 -11.80
CA ILE B 179 -32.04 9.46 -12.19
C ILE B 179 -33.12 8.76 -11.34
N SER B 180 -34.34 9.28 -11.42
CA SER B 180 -35.44 8.71 -10.66
C SER B 180 -36.01 7.45 -11.30
N ASP B 181 -36.79 6.72 -10.51
CA ASP B 181 -37.44 5.51 -10.98
C ASP B 181 -38.19 5.84 -12.27
N SER B 182 -39.08 6.83 -12.19
CA SER B 182 -39.90 7.25 -13.32
C SER B 182 -39.09 7.66 -14.56
N GLU B 183 -37.99 8.37 -14.35
CA GLU B 183 -37.16 8.80 -15.48
C GLU B 183 -36.63 7.60 -16.22
N ALA B 184 -36.20 6.59 -15.45
CA ALA B 184 -35.64 5.38 -16.03
C ALA B 184 -36.71 4.58 -16.77
N ASP B 185 -37.93 4.69 -16.28
CA ASP B 185 -39.07 3.97 -16.84
C ASP B 185 -39.45 4.41 -18.25
N VAL B 186 -38.88 5.52 -18.73
CA VAL B 186 -39.22 5.99 -20.07
C VAL B 186 -38.03 6.04 -21.03
N ARG B 187 -36.89 5.52 -20.61
CA ARG B 187 -35.73 5.52 -21.50
C ARG B 187 -35.73 4.24 -22.33
N GLU B 188 -35.87 4.39 -23.65
CA GLU B 188 -35.90 3.24 -24.54
C GLU B 188 -34.65 2.39 -24.36
N GLU B 189 -33.48 3.02 -24.46
CA GLU B 189 -32.22 2.31 -24.29
C GLU B 189 -31.98 2.12 -22.80
N ASP B 190 -32.20 0.91 -22.33
CA ASP B 190 -32.04 0.59 -20.92
C ASP B 190 -30.96 -0.48 -20.67
N SER B 191 -30.00 -0.57 -21.58
CA SER B 191 -28.95 -1.56 -21.44
C SER B 191 -27.90 -1.17 -20.41
N TYR B 192 -27.83 0.11 -20.08
CA TYR B 192 -26.85 0.60 -19.11
C TYR B 192 -27.43 1.01 -17.76
N LEU B 193 -28.65 0.59 -17.47
CA LEU B 193 -29.25 0.96 -16.19
C LEU B 193 -28.80 0.06 -15.06
N PHE B 194 -28.80 0.62 -13.85
CA PHE B 194 -28.45 -0.10 -12.64
C PHE B 194 -29.40 0.38 -11.55
N ASP B 195 -30.22 -0.52 -11.03
CA ASP B 195 -31.19 -0.17 -9.99
C ASP B 195 -30.53 -0.09 -8.64
N LEU B 196 -30.83 0.97 -7.89
CA LEU B 196 -30.24 1.13 -6.57
C LEU B 196 -31.10 0.46 -5.49
N ASP B 197 -32.36 0.23 -5.80
CA ASP B 197 -33.28 -0.42 -4.87
C ASP B 197 -34.40 -1.10 -5.66
N ASN B 198 -34.87 -2.25 -5.17
CA ASN B 198 -35.93 -2.99 -5.86
C ASN B 198 -37.32 -2.66 -5.33
N LYS B 199 -37.38 -2.14 -4.10
CA LYS B 199 -38.65 -1.77 -3.47
C LYS B 199 -39.52 -0.98 -4.44
N GLU B 202 -40.01 5.14 -3.37
CA GLU B 202 -39.24 6.19 -4.03
C GLU B 202 -37.83 5.70 -4.32
N VAL B 203 -37.62 5.06 -5.48
CA VAL B 203 -36.31 4.54 -5.83
C VAL B 203 -35.62 5.28 -6.99
N TYR B 204 -34.30 5.09 -7.09
CA TYR B 204 -33.49 5.73 -8.12
C TYR B 204 -32.60 4.75 -8.85
N CYS B 205 -32.13 5.16 -10.02
CA CYS B 205 -31.26 4.32 -10.84
C CYS B 205 -30.06 5.12 -11.37
N ILE B 206 -29.10 4.39 -11.91
CA ILE B 206 -27.93 5.01 -12.48
C ILE B 206 -27.94 4.59 -13.94
N ASP B 207 -27.94 5.57 -14.83
CA ASP B 207 -27.91 5.29 -16.25
C ASP B 207 -26.54 5.69 -16.76
N ALA B 208 -25.80 4.72 -17.26
CA ALA B 208 -24.46 5.01 -17.76
C ALA B 208 -24.44 5.08 -19.28
N ARG B 209 -25.61 5.28 -19.88
CA ARG B 209 -25.70 5.38 -21.33
C ARG B 209 -25.00 6.59 -21.88
N PHE B 210 -25.34 7.77 -21.35
CA PHE B 210 -24.76 9.02 -21.81
C PHE B 210 -23.55 9.47 -21.02
N TYR B 211 -23.59 9.23 -19.71
CA TYR B 211 -22.50 9.59 -18.81
C TYR B 211 -22.16 8.34 -18.01
N GLY B 212 -20.91 7.94 -18.05
CA GLY B 212 -20.52 6.76 -17.31
C GLY B 212 -19.01 6.61 -17.26
N ASN B 213 -18.54 5.60 -16.55
CA ASN B 213 -17.12 5.35 -16.47
C ASN B 213 -16.87 3.97 -17.04
N VAL B 214 -15.66 3.46 -16.87
CA VAL B 214 -15.28 2.16 -17.38
C VAL B 214 -16.31 1.03 -17.15
N SER B 215 -17.02 1.10 -16.03
CA SER B 215 -17.99 0.09 -15.69
C SER B 215 -19.14 -0.09 -16.66
N ARG B 216 -19.43 0.94 -17.44
CA ARG B 216 -20.51 0.83 -18.42
C ARG B 216 -20.15 -0.26 -19.45
N PHE B 217 -18.88 -0.65 -19.47
CA PHE B 217 -18.42 -1.64 -20.42
C PHE B 217 -18.22 -3.04 -19.82
N ILE B 218 -18.63 -3.25 -18.58
CA ILE B 218 -18.44 -4.55 -17.96
C ILE B 218 -19.59 -5.50 -18.31
N ASN B 219 -19.23 -6.61 -18.95
CA ASN B 219 -20.21 -7.60 -19.39
C ASN B 219 -20.77 -8.49 -18.31
N HIS B 220 -21.90 -9.11 -18.63
CA HIS B 220 -22.56 -10.03 -17.72
C HIS B 220 -21.88 -11.39 -17.78
N HIS B 221 -21.81 -12.05 -16.63
CA HIS B 221 -21.22 -13.37 -16.54
C HIS B 221 -22.02 -14.11 -15.47
N CYS B 222 -22.47 -15.33 -15.77
CA CYS B 222 -23.25 -16.11 -14.82
C CYS B 222 -22.41 -16.61 -13.63
N GLU B 223 -21.09 -16.56 -13.78
CA GLU B 223 -20.15 -16.96 -12.72
C GLU B 223 -19.17 -15.81 -12.59
N PRO B 224 -19.66 -14.62 -12.22
CA PRO B 224 -18.92 -13.36 -12.05
C PRO B 224 -17.77 -13.31 -11.05
N ASN B 225 -16.71 -12.62 -11.45
CA ASN B 225 -15.55 -12.42 -10.60
C ASN B 225 -15.73 -11.10 -9.85
N LEU B 226 -16.83 -10.41 -10.15
CA LEU B 226 -17.15 -9.13 -9.52
C LEU B 226 -18.52 -9.18 -8.86
N VAL B 227 -18.66 -8.45 -7.76
CA VAL B 227 -19.94 -8.38 -7.08
C VAL B 227 -20.14 -6.94 -6.62
N PRO B 228 -21.27 -6.34 -7.01
CA PRO B 228 -21.58 -4.96 -6.63
C PRO B 228 -22.01 -4.84 -5.17
N VAL B 229 -21.55 -3.79 -4.50
CA VAL B 229 -21.91 -3.56 -3.11
C VAL B 229 -22.38 -2.11 -2.90
N ARG B 230 -23.41 -1.93 -2.08
CA ARG B 230 -23.95 -0.61 -1.78
C ARG B 230 -23.14 0.08 -0.69
N VAL B 231 -22.48 1.18 -1.05
CA VAL B 231 -21.64 1.91 -0.12
C VAL B 231 -22.04 3.37 0.08
N PHE B 232 -21.78 3.86 1.29
CA PHE B 232 -22.08 5.25 1.63
C PHE B 232 -20.80 5.87 2.13
N MET B 233 -20.51 7.07 1.66
CA MET B 233 -19.30 7.76 2.06
C MET B 233 -19.59 9.18 2.52
N ALA B 234 -19.56 10.13 1.59
CA ALA B 234 -19.78 11.54 1.94
C ALA B 234 -21.19 11.87 2.41
N HIS B 235 -22.16 11.02 2.12
CA HIS B 235 -23.51 11.28 2.57
C HIS B 235 -24.13 9.94 2.90
N GLN B 236 -25.18 9.93 3.70
CA GLN B 236 -25.82 8.68 4.07
C GLN B 236 -27.32 8.70 3.77
N ASP B 237 -27.64 9.26 2.60
CA ASP B 237 -29.01 9.35 2.10
C ASP B 237 -29.30 7.99 1.44
N LEU B 238 -29.97 7.12 2.18
CA LEU B 238 -30.29 5.76 1.74
C LEU B 238 -30.92 5.58 0.36
N ARG B 239 -31.39 6.67 -0.23
CA ARG B 239 -31.99 6.58 -1.54
C ARG B 239 -30.92 6.58 -2.61
N PHE B 240 -29.72 7.02 -2.25
CA PHE B 240 -28.62 7.13 -3.20
C PHE B 240 -27.35 6.37 -2.84
N PRO B 241 -27.40 5.03 -2.84
CA PRO B 241 -26.17 4.31 -2.50
C PRO B 241 -25.24 4.30 -3.70
N ARG B 242 -23.94 4.30 -3.45
CA ARG B 242 -23.01 4.24 -4.57
C ARG B 242 -22.67 2.75 -4.74
N ILE B 243 -22.56 2.30 -5.98
CA ILE B 243 -22.27 0.89 -6.28
C ILE B 243 -20.81 0.57 -6.50
N ALA B 244 -20.22 -0.23 -5.61
CA ALA B 244 -18.81 -0.61 -5.73
C ALA B 244 -18.65 -2.08 -6.14
N PHE B 245 -17.70 -2.35 -7.03
CA PHE B 245 -17.43 -3.72 -7.46
C PHE B 245 -16.21 -4.29 -6.72
N PHE B 246 -16.39 -5.48 -6.16
CA PHE B 246 -15.33 -6.16 -5.44
C PHE B 246 -15.07 -7.51 -6.09
N SER B 247 -13.82 -7.93 -6.11
CA SER B 247 -13.47 -9.23 -6.69
C SER B 247 -14.05 -10.36 -5.82
N THR B 248 -14.68 -11.33 -6.46
CA THR B 248 -15.27 -12.46 -5.74
C THR B 248 -14.27 -13.59 -5.60
N ARG B 249 -13.14 -13.45 -6.29
CA ARG B 249 -12.09 -14.45 -6.26
C ARG B 249 -10.86 -13.82 -6.90
N LEU B 250 -9.81 -14.62 -7.07
CA LEU B 250 -8.59 -14.12 -7.68
C LEU B 250 -8.90 -13.86 -9.15
N ILE B 251 -8.39 -12.74 -9.67
CA ILE B 251 -8.59 -12.42 -11.07
C ILE B 251 -7.20 -12.34 -11.69
N GLU B 252 -6.92 -13.27 -12.59
CA GLU B 252 -5.60 -13.32 -13.24
C GLU B 252 -5.45 -12.25 -14.32
N ALA B 253 -4.23 -11.77 -14.48
CA ALA B 253 -3.93 -10.75 -15.50
C ALA B 253 -4.47 -11.16 -16.86
N GLY B 254 -5.09 -10.20 -17.56
CA GLY B 254 -5.63 -10.46 -18.88
C GLY B 254 -7.04 -11.02 -18.89
N GLU B 255 -7.51 -11.41 -17.71
CA GLU B 255 -8.86 -11.98 -17.55
C GLU B 255 -9.95 -10.90 -17.62
N GLN B 256 -11.07 -11.25 -18.24
CA GLN B 256 -12.18 -10.31 -18.35
C GLN B 256 -12.97 -10.20 -17.06
N LEU B 257 -13.45 -8.98 -16.79
CA LEU B 257 -14.25 -8.72 -15.60
C LEU B 257 -15.71 -8.91 -15.98
N GLY B 258 -16.53 -9.30 -15.01
CA GLY B 258 -17.93 -9.49 -15.29
C GLY B 258 -18.72 -9.55 -14.00
N PHE B 259 -20.01 -9.24 -14.07
CA PHE B 259 -20.85 -9.31 -12.90
C PHE B 259 -22.21 -9.79 -13.36
N ASP B 260 -22.95 -10.43 -12.46
CA ASP B 260 -24.28 -10.95 -12.77
C ASP B 260 -25.31 -9.84 -12.84
N TYR B 261 -25.82 -9.55 -14.03
CA TYR B 261 -26.80 -8.48 -14.17
C TYR B 261 -28.02 -8.67 -13.29
N GLY B 262 -28.57 -9.88 -13.26
CA GLY B 262 -29.73 -10.13 -12.42
C GLY B 262 -30.99 -10.47 -13.18
N GLU B 263 -32.06 -10.75 -12.42
CA GLU B 263 -33.35 -11.12 -12.97
C GLU B 263 -34.02 -10.06 -13.84
N ARG B 264 -34.13 -8.84 -13.31
CA ARG B 264 -34.77 -7.76 -14.07
C ARG B 264 -34.22 -7.57 -15.47
N PHE B 265 -32.91 -7.63 -15.61
CA PHE B 265 -32.28 -7.48 -16.92
C PHE B 265 -32.72 -8.60 -17.84
N TRP B 266 -32.47 -9.83 -17.40
CA TRP B 266 -32.80 -10.99 -18.21
C TRP B 266 -34.29 -11.23 -18.44
N ASP B 267 -35.14 -10.66 -17.61
CA ASP B 267 -36.58 -10.83 -17.79
C ASP B 267 -37.03 -9.91 -18.91
N ILE B 268 -36.16 -8.98 -19.27
CA ILE B 268 -36.45 -8.03 -20.32
C ILE B 268 -35.74 -8.37 -21.63
N LYS B 269 -34.47 -8.70 -21.53
CA LYS B 269 -33.67 -9.04 -22.71
C LYS B 269 -33.62 -10.54 -22.95
N GLY B 270 -34.14 -11.31 -22.00
CA GLY B 270 -34.13 -12.75 -22.13
C GLY B 270 -35.02 -13.18 -23.28
N LYS B 271 -35.82 -12.25 -23.79
CA LYS B 271 -36.72 -12.53 -24.89
C LYS B 271 -36.31 -11.75 -26.15
N LEU B 272 -35.00 -11.59 -26.34
CA LEU B 272 -34.48 -10.87 -27.49
C LEU B 272 -33.14 -11.46 -27.89
N PHE B 273 -32.52 -12.13 -26.92
CA PHE B 273 -31.22 -12.77 -27.12
C PHE B 273 -30.84 -13.51 -25.84
N SER B 274 -30.03 -14.55 -25.99
CA SER B 274 -29.59 -15.35 -24.86
C SER B 274 -28.20 -14.95 -24.39
N CYS B 275 -27.89 -15.31 -23.15
CA CYS B 275 -26.61 -14.99 -22.56
C CYS B 275 -25.45 -15.61 -23.33
N ARG B 276 -24.33 -14.90 -23.38
CA ARG B 276 -23.15 -15.40 -24.08
C ARG B 276 -21.91 -15.38 -23.21
N CYS B 277 -22.07 -15.58 -21.90
CA CYS B 277 -20.91 -15.59 -21.02
C CYS B 277 -20.15 -16.89 -21.21
N GLY B 278 -20.80 -17.84 -21.89
CA GLY B 278 -20.20 -19.13 -22.18
C GLY B 278 -19.75 -19.93 -20.97
N SER B 279 -20.45 -19.79 -19.86
CA SER B 279 -20.09 -20.53 -18.66
C SER B 279 -20.75 -21.89 -18.59
N PRO B 280 -20.02 -22.89 -18.09
CA PRO B 280 -20.58 -24.24 -17.98
C PRO B 280 -21.85 -24.22 -17.16
N LYS B 281 -21.98 -23.19 -16.32
CA LYS B 281 -23.15 -23.05 -15.47
C LYS B 281 -24.05 -21.88 -15.87
N CYS B 282 -23.86 -21.37 -17.08
CA CYS B 282 -24.67 -20.27 -17.59
C CYS B 282 -26.15 -20.51 -17.30
N ARG B 283 -26.83 -19.50 -16.75
CA ARG B 283 -28.24 -19.62 -16.42
C ARG B 283 -29.17 -18.83 -17.33
N HIS B 284 -28.66 -18.34 -18.45
CA HIS B 284 -29.48 -17.56 -19.36
C HIS B 284 -29.17 -17.88 -20.82
N SER B 285 -28.67 -19.09 -21.05
CA SER B 285 -28.35 -19.54 -22.40
C SER B 285 -29.40 -20.55 -22.83
N VAL C 25 24.85 19.98 -9.68
CA VAL C 25 24.00 18.96 -10.37
C VAL C 25 24.07 17.64 -9.63
N GLU C 26 22.91 17.01 -9.45
CA GLU C 26 22.84 15.74 -8.75
C GLU C 26 23.24 14.62 -9.70
N ARG C 27 24.38 14.00 -9.43
CA ARG C 27 24.88 12.90 -10.24
C ARG C 27 24.58 11.54 -9.62
N ILE C 28 23.87 10.69 -10.34
CA ILE C 28 23.53 9.36 -9.85
C ILE C 28 24.78 8.48 -9.90
N VAL C 29 25.50 8.40 -8.79
CA VAL C 29 26.72 7.59 -8.72
C VAL C 29 26.44 6.12 -8.44
N SER C 30 25.15 5.77 -8.40
CA SER C 30 24.71 4.40 -8.16
C SER C 30 23.19 4.33 -8.30
N ARG C 31 22.70 3.38 -9.08
CA ARG C 31 21.26 3.27 -9.29
C ARG C 31 20.57 2.52 -8.14
N ASP C 32 21.32 1.67 -7.46
CA ASP C 32 20.78 0.87 -6.35
C ASP C 32 21.93 0.19 -5.63
N ILE C 33 22.33 0.75 -4.49
CA ILE C 33 23.43 0.19 -3.73
C ILE C 33 23.15 -1.21 -3.16
N ALA C 34 21.87 -1.57 -3.07
CA ALA C 34 21.48 -2.87 -2.54
C ALA C 34 21.39 -3.96 -3.61
N ARG C 35 21.79 -3.63 -4.84
CA ARG C 35 21.77 -4.58 -5.95
C ARG C 35 20.48 -5.38 -6.08
N GLY C 36 19.35 -4.77 -5.75
CA GLY C 36 18.08 -5.47 -5.86
C GLY C 36 17.64 -6.31 -4.67
N TYR C 37 18.41 -6.31 -3.59
CA TYR C 37 18.03 -7.11 -2.43
C TYR C 37 16.88 -6.53 -1.61
N GLU C 38 16.70 -5.22 -1.67
CA GLU C 38 15.63 -4.56 -0.93
C GLU C 38 14.38 -4.54 -1.82
N ARG C 39 13.21 -4.32 -1.22
CA ARG C 39 11.95 -4.28 -1.96
C ARG C 39 11.86 -3.03 -2.81
N ILE C 40 12.82 -2.13 -2.59
CA ILE C 40 12.89 -0.86 -3.31
C ILE C 40 14.38 -0.50 -3.46
N PRO C 41 14.77 0.04 -4.62
CA PRO C 41 16.18 0.40 -4.81
C PRO C 41 16.61 1.56 -3.91
N ILE C 42 17.91 1.62 -3.63
CA ILE C 42 18.47 2.68 -2.80
C ILE C 42 19.57 3.36 -3.58
N PRO C 43 19.22 4.37 -4.37
CA PRO C 43 20.15 5.13 -5.20
C PRO C 43 21.20 5.86 -4.37
N CYS C 44 22.33 6.14 -5.01
CA CYS C 44 23.40 6.87 -4.36
C CYS C 44 23.77 8.04 -5.27
N VAL C 45 23.53 9.26 -4.81
CA VAL C 45 23.84 10.44 -5.60
C VAL C 45 24.93 11.26 -4.94
N ASN C 46 25.35 12.32 -5.63
CA ASN C 46 26.38 13.20 -5.12
C ASN C 46 26.24 14.58 -5.77
N ALA C 47 26.52 15.63 -5.00
CA ALA C 47 26.42 16.99 -5.50
C ALA C 47 27.34 17.92 -4.71
N VAL C 48 28.34 17.34 -4.07
CA VAL C 48 29.29 18.11 -3.26
C VAL C 48 30.68 17.98 -3.84
N ASP C 49 31.10 16.75 -4.07
CA ASP C 49 32.41 16.50 -4.64
C ASP C 49 32.30 15.48 -5.75
N SER C 50 33.39 14.79 -6.04
CA SER C 50 33.39 13.80 -7.10
C SER C 50 33.32 12.39 -6.53
N GLU C 51 34.08 12.16 -5.45
CA GLU C 51 34.16 10.87 -4.78
C GLU C 51 32.93 10.01 -5.08
N PRO C 52 33.16 8.79 -5.63
CA PRO C 52 32.14 7.82 -6.01
C PRO C 52 31.49 7.00 -4.89
N CYS C 53 30.48 6.24 -5.30
CA CYS C 53 29.71 5.37 -4.40
C CYS C 53 30.65 4.54 -3.53
N PRO C 54 30.50 4.63 -2.20
CA PRO C 54 31.35 3.86 -1.28
C PRO C 54 31.32 2.38 -1.67
N SER C 55 32.43 1.68 -1.46
CA SER C 55 32.48 0.26 -1.82
C SER C 55 33.52 -0.54 -1.04
N ASN C 56 34.04 0.04 0.03
CA ASN C 56 35.03 -0.66 0.85
C ASN C 56 34.28 -1.47 1.88
N TYR C 57 33.10 -1.95 1.48
CA TYR C 57 32.27 -2.75 2.35
C TYR C 57 31.38 -3.66 1.51
N LYS C 58 30.86 -4.70 2.14
CA LYS C 58 29.97 -5.62 1.46
C LYS C 58 28.56 -5.33 1.95
N TYR C 59 27.65 -5.12 1.00
CA TYR C 59 26.27 -4.80 1.35
C TYR C 59 25.46 -6.09 1.51
N VAL C 60 24.82 -6.23 2.67
CA VAL C 60 23.97 -7.37 2.96
C VAL C 60 22.68 -6.82 3.53
N SER C 61 21.55 -7.41 3.16
CA SER C 61 20.27 -6.93 3.65
C SER C 61 19.90 -7.50 5.02
N GLN C 62 20.37 -8.70 5.32
CA GLN C 62 20.09 -9.32 6.63
C GLN C 62 21.38 -9.51 7.40
N ASN C 63 21.29 -9.63 8.72
CA ASN C 63 22.49 -9.84 9.52
C ASN C 63 23.18 -11.13 9.10
N CYS C 64 24.49 -11.17 9.32
CA CYS C 64 25.28 -12.34 8.97
C CYS C 64 26.29 -12.58 10.07
N VAL C 65 26.96 -13.73 10.01
CA VAL C 65 27.97 -14.06 10.99
C VAL C 65 29.23 -14.54 10.30
N THR C 66 30.34 -14.45 11.00
CA THR C 66 31.62 -14.89 10.46
C THR C 66 32.21 -15.85 11.47
N SER C 67 31.35 -16.69 12.03
CA SER C 67 31.77 -17.67 13.02
C SER C 67 30.56 -18.46 13.44
N PRO C 68 30.77 -19.55 14.20
CA PRO C 68 29.60 -20.32 14.62
C PRO C 68 28.91 -19.40 15.61
N MET C 69 27.59 -19.37 15.58
CA MET C 69 26.85 -18.53 16.51
C MET C 69 25.65 -19.36 16.95
N ASN C 70 25.67 -19.78 18.20
CA ASN C 70 24.61 -20.63 18.75
C ASN C 70 23.28 -19.94 19.03
N ILE C 71 22.71 -19.30 18.01
CA ILE C 71 21.43 -18.63 18.17
C ILE C 71 20.36 -19.69 18.34
N ASP C 72 19.60 -19.59 19.41
CA ASP C 72 18.55 -20.55 19.69
C ASP C 72 17.46 -20.44 18.61
N ARG C 73 17.38 -21.45 17.75
CA ARG C 73 16.36 -21.43 16.71
C ARG C 73 15.45 -22.65 16.82
N ASN C 74 15.42 -23.24 18.02
CA ASN C 74 14.58 -24.40 18.28
C ASN C 74 13.14 -23.89 18.23
N ILE C 75 12.38 -24.33 17.24
CA ILE C 75 11.01 -23.88 17.08
C ILE C 75 10.12 -24.10 18.32
N THR C 76 10.47 -25.08 19.14
CA THR C 76 9.67 -25.35 20.34
C THR C 76 9.95 -24.37 21.48
N HIS C 77 10.96 -23.52 21.32
CA HIS C 77 11.30 -22.54 22.35
C HIS C 77 10.63 -21.21 22.08
N LEU C 78 9.89 -21.13 20.98
CA LEU C 78 9.21 -19.90 20.62
C LEU C 78 7.90 -19.66 21.34
N GLN C 79 7.71 -18.46 21.86
CA GLN C 79 6.44 -18.13 22.48
C GLN C 79 5.60 -17.68 21.29
N TYR C 80 4.32 -18.04 21.27
CA TYR C 80 3.45 -17.67 20.15
C TYR C 80 1.99 -17.45 20.54
N CYS C 81 1.21 -16.92 19.61
CA CYS C 81 -0.21 -16.67 19.85
C CYS C 81 -1.06 -17.71 19.13
N VAL C 82 -2.31 -17.83 19.56
CA VAL C 82 -3.24 -18.78 18.95
C VAL C 82 -4.50 -18.03 18.54
N CYS C 83 -4.32 -16.76 18.16
CA CYS C 83 -5.41 -15.90 17.75
C CYS C 83 -6.13 -16.38 16.50
N ILE C 84 -7.42 -16.06 16.42
CA ILE C 84 -8.23 -16.44 15.28
C ILE C 84 -8.61 -15.18 14.51
N ASP C 85 -8.28 -14.03 15.08
CA ASP C 85 -8.55 -12.74 14.46
C ASP C 85 -7.27 -12.24 13.80
N ASP C 86 -7.11 -10.92 13.70
CA ASP C 86 -5.92 -10.34 13.09
C ASP C 86 -4.91 -9.89 14.15
N CYS C 87 -5.03 -10.46 15.34
CA CYS C 87 -4.14 -10.14 16.47
C CYS C 87 -4.32 -8.73 16.99
N SER C 88 -5.57 -8.36 17.22
CA SER C 88 -5.86 -7.04 17.73
C SER C 88 -6.31 -7.11 19.18
N SER C 89 -6.76 -8.30 19.60
CA SER C 89 -7.23 -8.50 20.97
C SER C 89 -6.08 -8.62 21.98
N SER C 90 -6.38 -8.25 23.21
CA SER C 90 -5.40 -8.30 24.29
C SER C 90 -5.00 -9.72 24.65
N ASN C 91 -5.68 -10.71 24.09
CA ASN C 91 -5.37 -12.11 24.38
C ASN C 91 -4.14 -12.63 23.62
N CYS C 92 -3.73 -11.92 22.58
CA CYS C 92 -2.57 -12.30 21.78
C CYS C 92 -1.31 -12.28 22.66
N MET C 93 -0.69 -13.45 22.84
CA MET C 93 0.50 -13.58 23.67
C MET C 93 1.62 -12.64 23.21
N CYS C 94 1.87 -12.62 21.90
CA CYS C 94 2.91 -11.76 21.35
C CYS C 94 2.66 -10.30 21.75
N GLY C 95 1.40 -9.89 21.72
CA GLY C 95 1.07 -8.53 22.12
C GLY C 95 1.38 -8.33 23.58
N GLN C 96 1.09 -9.36 24.38
CA GLN C 96 1.36 -9.27 25.80
C GLN C 96 2.85 -9.22 26.09
N LEU C 97 3.63 -9.91 25.26
CA LEU C 97 5.08 -9.92 25.43
C LEU C 97 5.68 -8.57 25.06
N SER C 98 4.98 -7.79 24.26
CA SER C 98 5.48 -6.47 23.87
C SER C 98 4.77 -5.41 24.71
N MET C 99 4.01 -5.89 25.71
CA MET C 99 3.21 -5.06 26.62
C MET C 99 1.84 -4.94 25.97
N ARG C 100 1.86 -4.67 24.67
CA ARG C 100 0.66 -4.58 23.86
C ARG C 100 1.16 -4.43 22.42
N CYS C 101 0.29 -4.65 21.43
CA CYS C 101 0.72 -4.48 20.05
C CYS C 101 0.67 -2.97 19.82
N TRP C 102 1.79 -2.40 19.38
CA TRP C 102 1.88 -0.96 19.15
C TRP C 102 1.70 -0.52 17.71
N TYR C 103 1.36 -1.47 16.84
CA TYR C 103 1.18 -1.18 15.42
C TYR C 103 -0.26 -0.87 15.05
N ASP C 104 -0.46 0.13 14.19
CA ASP C 104 -1.80 0.47 13.74
C ASP C 104 -2.08 -0.33 12.48
N LYS C 105 -3.15 0.03 11.77
CA LYS C 105 -3.53 -0.65 10.54
C LYS C 105 -2.39 -0.67 9.51
N ASP C 106 -1.70 0.46 9.37
CA ASP C 106 -0.60 0.56 8.41
C ASP C 106 0.77 0.18 8.98
N GLY C 107 0.78 -0.51 10.10
CA GLY C 107 2.03 -0.92 10.71
C GLY C 107 2.82 0.19 11.37
N ARG C 108 2.18 1.32 11.69
CA ARG C 108 2.89 2.42 12.34
C ARG C 108 2.71 2.37 13.86
N LEU C 109 3.69 2.92 14.56
CA LEU C 109 3.66 2.95 16.02
C LEU C 109 2.60 3.92 16.55
N LEU C 110 1.87 3.50 17.59
CA LEU C 110 0.84 4.35 18.18
C LEU C 110 1.47 5.62 18.75
N PRO C 111 0.69 6.71 18.80
CA PRO C 111 1.14 8.00 19.32
C PRO C 111 1.72 7.92 20.74
N GLU C 112 1.16 7.00 21.54
CA GLU C 112 1.59 6.84 22.92
C GLU C 112 2.81 5.92 23.13
N PHE C 113 3.51 5.61 22.05
CA PHE C 113 4.70 4.75 22.12
C PHE C 113 5.82 5.51 22.81
N ASN C 114 6.40 4.92 23.86
CA ASN C 114 7.49 5.56 24.59
C ASN C 114 8.75 5.60 23.73
N MET C 115 9.04 6.75 23.13
CA MET C 115 10.21 6.90 22.27
C MET C 115 11.47 7.18 23.11
N ALA C 116 11.27 7.45 24.40
CA ALA C 116 12.41 7.74 25.28
C ALA C 116 12.96 6.44 25.85
N GLU C 117 12.07 5.46 26.00
CA GLU C 117 12.45 4.15 26.51
C GLU C 117 11.56 3.14 25.81
N PRO C 118 11.89 2.81 24.56
CA PRO C 118 11.09 1.86 23.81
C PRO C 118 11.04 0.50 24.47
N PRO C 119 9.88 -0.14 24.41
CA PRO C 119 9.81 -1.47 25.03
C PRO C 119 10.44 -2.40 23.98
N LEU C 120 10.50 -3.70 24.26
CA LEU C 120 11.02 -4.63 23.29
C LEU C 120 9.79 -5.07 22.51
N ILE C 121 9.93 -5.30 21.21
CA ILE C 121 8.79 -5.72 20.43
C ILE C 121 8.92 -7.17 19.99
N PHE C 122 7.83 -7.90 20.16
CA PHE C 122 7.76 -9.30 19.77
C PHE C 122 6.66 -9.43 18.72
N GLU C 123 7.05 -9.51 17.46
CA GLU C 123 6.10 -9.66 16.37
C GLU C 123 5.75 -11.12 16.28
N CYS C 124 4.61 -11.43 15.67
CA CYS C 124 4.20 -12.81 15.51
C CYS C 124 5.20 -13.55 14.64
N ASN C 125 5.24 -14.87 14.78
CA ASN C 125 6.20 -15.69 14.05
C ASN C 125 5.56 -16.90 13.39
N HIS C 126 6.39 -17.74 12.78
CA HIS C 126 5.90 -18.93 12.10
C HIS C 126 5.23 -19.99 12.98
N ALA C 127 5.35 -19.85 14.29
CA ALA C 127 4.70 -20.81 15.19
C ALA C 127 3.31 -20.31 15.59
N CYS C 128 3.02 -19.04 15.32
CA CYS C 128 1.71 -18.46 15.66
C CYS C 128 0.59 -18.92 14.72
N SER C 129 -0.58 -19.17 15.30
CA SER C 129 -1.75 -19.61 14.54
C SER C 129 -2.21 -18.60 13.49
N CYS C 130 -1.97 -17.32 13.76
CA CYS C 130 -2.40 -16.26 12.85
C CYS C 130 -1.89 -16.35 11.42
N TRP C 131 -2.44 -15.49 10.58
CA TRP C 131 -2.08 -15.39 9.16
C TRP C 131 -0.95 -14.41 8.96
N ARG C 132 -0.19 -14.62 7.88
CA ARG C 132 0.96 -13.79 7.56
C ARG C 132 0.65 -12.30 7.44
N ASN C 133 -0.62 -11.96 7.35
CA ASN C 133 -1.00 -10.56 7.21
C ASN C 133 -1.64 -9.97 8.47
N CYS C 134 -1.35 -10.55 9.64
CA CYS C 134 -1.94 -10.03 10.87
C CYS C 134 -1.33 -8.67 11.18
N ARG C 135 -1.86 -8.02 12.20
CA ARG C 135 -1.40 -6.70 12.62
C ARG C 135 0.02 -6.67 13.20
N ASN C 136 0.38 -7.71 13.94
CA ASN C 136 1.68 -7.74 14.60
C ASN C 136 2.84 -8.23 13.74
N ARG C 137 2.99 -7.62 12.57
CA ARG C 137 4.06 -7.98 11.64
C ARG C 137 4.39 -6.76 10.80
N VAL C 138 5.53 -6.15 11.10
CA VAL C 138 5.96 -4.94 10.40
C VAL C 138 7.40 -5.06 9.93
N VAL C 139 8.33 -5.10 10.88
CA VAL C 139 9.75 -5.20 10.58
C VAL C 139 10.03 -6.40 9.69
N GLN C 140 9.36 -7.52 9.93
CA GLN C 140 9.58 -8.72 9.12
C GLN C 140 9.16 -8.56 7.65
N ASN C 141 8.49 -7.45 7.32
CA ASN C 141 8.06 -7.21 5.95
C ASN C 141 9.08 -6.42 5.12
N GLY C 142 10.18 -6.03 5.75
CA GLY C 142 11.23 -5.33 5.04
C GLY C 142 11.01 -3.86 4.69
N LEU C 143 12.05 -3.27 4.10
CA LEU C 143 12.05 -1.87 3.68
C LEU C 143 10.92 -1.55 2.72
N ARG C 144 10.22 -0.44 2.99
CA ARG C 144 9.09 0.00 2.18
C ARG C 144 9.11 1.52 2.03
N ALA C 145 10.29 2.11 2.23
CA ALA C 145 10.45 3.55 2.12
C ALA C 145 11.54 3.84 1.10
N ARG C 146 11.32 4.85 0.27
CA ARG C 146 12.31 5.21 -0.73
C ARG C 146 13.39 6.05 -0.09
N LEU C 147 14.58 5.46 0.05
CA LEU C 147 15.71 6.16 0.65
C LEU C 147 16.76 6.48 -0.39
N GLN C 148 17.78 7.23 0.03
CA GLN C 148 18.85 7.60 -0.88
C GLN C 148 20.15 7.93 -0.15
N LEU C 149 21.24 7.29 -0.56
CA LEU C 149 22.55 7.55 0.02
C LEU C 149 23.03 8.79 -0.71
N TYR C 150 23.58 9.76 0.01
CA TYR C 150 24.06 10.98 -0.63
C TYR C 150 25.24 11.58 0.13
N ARG C 151 25.93 12.51 -0.54
CA ARG C 151 27.09 13.16 0.04
C ARG C 151 26.74 14.46 0.78
N THR C 152 27.21 14.58 2.02
CA THR C 152 26.96 15.79 2.79
C THR C 152 28.19 16.68 2.68
N ARG C 153 28.07 17.91 3.16
CA ARG C 153 29.17 18.86 3.09
C ARG C 153 30.09 18.83 4.31
N ASP C 154 29.62 18.29 5.44
CA ASP C 154 30.44 18.27 6.64
C ASP C 154 30.44 16.97 7.48
N MET C 155 29.72 15.94 7.03
CA MET C 155 29.67 14.68 7.76
C MET C 155 29.90 13.46 6.89
N GLY C 156 30.58 13.65 5.75
CA GLY C 156 30.82 12.54 4.86
C GLY C 156 29.56 12.10 4.16
N TRP C 157 29.24 10.81 4.25
CA TRP C 157 28.04 10.28 3.62
C TRP C 157 26.87 10.20 4.61
N GLY C 158 25.67 10.39 4.08
CA GLY C 158 24.48 10.34 4.91
C GLY C 158 23.34 9.69 4.14
N VAL C 159 22.20 9.53 4.80
CA VAL C 159 21.06 8.94 4.15
C VAL C 159 19.88 9.89 4.31
N ARG C 160 19.04 9.97 3.30
CA ARG C 160 17.88 10.83 3.38
C ARG C 160 16.66 10.18 2.78
N SER C 161 15.50 10.73 3.09
CA SER C 161 14.26 10.21 2.56
C SER C 161 13.90 10.94 1.29
N LEU C 162 13.42 10.22 0.30
CA LEU C 162 13.03 10.82 -0.97
C LEU C 162 11.53 11.14 -0.94
N GLN C 163 10.89 10.86 0.20
CA GLN C 163 9.46 11.10 0.35
C GLN C 163 9.12 11.38 1.81
N ASP C 164 7.89 11.81 2.06
CA ASP C 164 7.49 12.09 3.42
C ASP C 164 7.20 10.81 4.16
N ILE C 165 7.80 10.68 5.35
CA ILE C 165 7.62 9.50 6.19
C ILE C 165 6.88 9.93 7.45
N PRO C 166 5.68 9.39 7.66
CA PRO C 166 4.85 9.71 8.83
C PRO C 166 5.54 9.30 10.14
N PRO C 167 5.00 9.77 11.28
CA PRO C 167 5.54 9.46 12.61
C PRO C 167 5.35 7.98 12.95
N GLY C 168 6.34 7.40 13.62
CA GLY C 168 6.25 6.00 13.99
C GLY C 168 6.28 5.01 12.84
N THR C 169 6.97 5.40 11.76
CA THR C 169 7.08 4.55 10.58
C THR C 169 8.36 3.73 10.66
N PHE C 170 8.28 2.45 10.31
CA PHE C 170 9.47 1.61 10.28
C PHE C 170 10.28 2.03 9.05
N VAL C 171 11.49 2.56 9.26
CA VAL C 171 12.32 3.01 8.16
C VAL C 171 13.34 1.99 7.67
N CYS C 172 14.15 1.44 8.56
CA CYS C 172 15.15 0.44 8.18
C CYS C 172 15.79 -0.23 9.38
N GLU C 173 16.34 -1.42 9.16
CA GLU C 173 16.99 -2.18 10.22
C GLU C 173 18.49 -1.89 10.21
N TYR C 174 19.11 -1.91 11.38
CA TYR C 174 20.56 -1.70 11.45
C TYR C 174 21.15 -3.08 11.26
N VAL C 175 21.62 -3.35 10.05
CA VAL C 175 22.19 -4.65 9.68
C VAL C 175 23.71 -4.67 9.64
N GLY C 176 24.29 -5.84 9.85
CA GLY C 176 25.73 -5.95 9.82
C GLY C 176 26.24 -7.31 10.25
N GLU C 177 27.49 -7.33 10.69
CA GLU C 177 28.16 -8.53 11.15
C GLU C 177 27.89 -8.66 12.66
N LEU C 178 27.28 -9.78 13.04
CA LEU C 178 26.94 -10.05 14.42
C LEU C 178 28.15 -10.65 15.16
N ILE C 179 28.68 -9.92 16.13
CA ILE C 179 29.86 -10.39 16.85
C ILE C 179 29.77 -10.32 18.36
N SER C 180 30.69 -11.01 19.04
CA SER C 180 30.73 -11.03 20.48
C SER C 180 31.36 -9.74 21.01
N ASP C 181 31.24 -9.54 22.31
CA ASP C 181 31.79 -8.37 22.98
C ASP C 181 33.32 -8.36 22.84
N SER C 182 33.92 -9.54 22.98
CA SER C 182 35.38 -9.68 22.87
C SER C 182 35.86 -9.42 21.46
N GLU C 183 35.08 -9.85 20.47
CA GLU C 183 35.46 -9.63 19.07
C GLU C 183 35.39 -8.14 18.80
N ALA C 184 34.36 -7.50 19.35
CA ALA C 184 34.16 -6.07 19.18
C ALA C 184 35.27 -5.29 19.89
N ASP C 185 35.70 -5.82 21.02
CA ASP C 185 36.74 -5.17 21.82
C ASP C 185 38.10 -5.09 21.14
N VAL C 186 38.32 -5.86 20.08
CA VAL C 186 39.62 -5.82 19.41
C VAL C 186 39.57 -5.27 17.99
N ARG C 187 38.51 -4.56 17.63
CA ARG C 187 38.45 -4.01 16.29
C ARG C 187 38.88 -2.54 16.25
N GLU C 188 39.78 -2.25 15.32
CA GLU C 188 40.30 -0.89 15.16
C GLU C 188 39.15 0.07 14.87
N GLU C 189 38.57 -0.04 13.69
CA GLU C 189 37.46 0.82 13.29
C GLU C 189 36.21 0.47 14.08
N ASP C 190 35.83 1.35 15.00
CA ASP C 190 34.66 1.09 15.83
C ASP C 190 33.51 2.07 15.65
N SER C 191 33.55 2.88 14.60
CA SER C 191 32.48 3.84 14.39
C SER C 191 31.30 3.27 13.60
N TYR C 192 31.29 1.96 13.38
CA TYR C 192 30.21 1.30 12.67
C TYR C 192 29.58 0.23 13.55
N LEU C 193 29.86 0.28 14.83
CA LEU C 193 29.33 -0.68 15.79
C LEU C 193 27.98 -0.31 16.36
N PHE C 194 27.36 -1.26 17.06
CA PHE C 194 26.09 -1.05 17.71
C PHE C 194 25.96 -2.11 18.78
N ASP C 195 25.81 -1.69 20.03
CA ASP C 195 25.68 -2.63 21.15
C ASP C 195 24.26 -3.10 21.35
N LEU C 196 24.09 -4.42 21.38
CA LEU C 196 22.79 -5.02 21.57
C LEU C 196 22.46 -5.13 23.06
N ASP C 197 23.49 -5.35 23.87
CA ASP C 197 23.38 -5.49 25.33
C ASP C 197 21.96 -5.70 25.83
N GLY C 201 27.23 -9.20 31.29
CA GLY C 201 27.38 -10.62 30.99
C GLY C 201 27.86 -10.87 29.56
N GLU C 202 27.27 -11.89 28.93
CA GLU C 202 27.59 -12.25 27.55
C GLU C 202 26.78 -11.36 26.62
N VAL C 203 27.40 -10.33 26.06
CA VAL C 203 26.68 -9.44 25.16
C VAL C 203 27.25 -9.49 23.75
N TYR C 204 26.54 -8.88 22.81
CA TYR C 204 26.95 -8.90 21.42
C TYR C 204 26.76 -7.57 20.73
N CYS C 205 27.41 -7.42 19.58
CA CYS C 205 27.33 -6.20 18.81
C CYS C 205 27.08 -6.50 17.34
N ILE C 206 26.69 -5.45 16.63
CA ILE C 206 26.50 -5.54 15.20
C ILE C 206 27.57 -4.61 14.64
N ASP C 207 28.51 -5.16 13.87
CA ASP C 207 29.53 -4.34 13.27
C ASP C 207 29.18 -4.21 11.80
N ALA C 208 28.98 -2.98 11.33
CA ALA C 208 28.63 -2.79 9.93
C ALA C 208 29.80 -2.30 9.10
N ARG C 209 31.01 -2.37 9.65
CA ARG C 209 32.21 -1.95 8.94
C ARG C 209 32.45 -2.75 7.66
N PHE C 210 32.49 -4.06 7.79
CA PHE C 210 32.75 -4.93 6.65
C PHE C 210 31.48 -5.39 5.93
N TYR C 211 30.43 -5.65 6.70
CA TYR C 211 29.16 -6.09 6.14
C TYR C 211 28.06 -5.21 6.74
N GLY C 212 27.25 -4.60 5.88
CA GLY C 212 26.17 -3.74 6.36
C GLY C 212 25.18 -3.36 5.28
N ASN C 213 24.08 -2.75 5.71
CA ASN C 213 23.05 -2.30 4.80
C ASN C 213 23.07 -0.77 4.85
N VAL C 214 22.07 -0.14 4.26
CA VAL C 214 22.00 1.32 4.22
C VAL C 214 22.22 2.03 5.56
N SER C 215 21.80 1.40 6.66
CA SER C 215 21.94 2.00 7.99
C SER C 215 23.34 2.42 8.40
N ARG C 216 24.35 1.78 7.81
CA ARG C 216 25.72 2.10 8.16
C ARG C 216 26.09 3.53 7.80
N PHE C 217 25.26 4.17 6.98
CA PHE C 217 25.54 5.55 6.56
C PHE C 217 24.70 6.57 7.28
N ILE C 218 23.91 6.12 8.25
CA ILE C 218 23.07 7.04 8.99
C ILE C 218 23.89 7.76 10.06
N ASN C 219 23.89 9.08 9.99
CA ASN C 219 24.65 9.92 10.91
C ASN C 219 23.96 10.19 12.23
N HIS C 220 24.72 10.76 13.16
CA HIS C 220 24.23 11.11 14.47
C HIS C 220 23.54 12.46 14.46
N HIS C 221 22.54 12.61 15.31
CA HIS C 221 21.82 13.87 15.44
C HIS C 221 21.30 13.95 16.87
N CYS C 222 21.51 15.08 17.53
CA CYS C 222 21.07 15.25 18.90
C CYS C 222 19.55 15.29 19.08
N GLU C 223 18.83 15.72 18.05
CA GLU C 223 17.36 15.76 18.08
C GLU C 223 16.90 14.82 16.95
N PRO C 224 17.22 13.52 17.08
CA PRO C 224 16.91 12.45 16.13
C PRO C 224 15.48 12.27 15.62
N ASN C 225 15.37 12.00 14.32
CA ASN C 225 14.07 11.75 13.72
C ASN C 225 13.88 10.24 13.62
N LEU C 226 14.88 9.50 14.11
CA LEU C 226 14.85 8.05 14.14
C LEU C 226 15.18 7.55 15.54
N VAL C 227 14.58 6.44 15.93
CA VAL C 227 14.83 5.84 17.22
C VAL C 227 14.93 4.33 17.03
N PRO C 228 15.96 3.69 17.60
CA PRO C 228 16.17 2.25 17.49
C PRO C 228 15.34 1.47 18.50
N VAL C 229 14.76 0.38 18.04
CA VAL C 229 13.93 -0.47 18.88
C VAL C 229 14.37 -1.94 18.74
N ARG C 230 14.44 -2.65 19.85
CA ARG C 230 14.83 -4.05 19.81
C ARG C 230 13.62 -4.89 19.42
N VAL C 231 13.74 -5.65 18.34
CA VAL C 231 12.64 -6.47 17.86
C VAL C 231 13.02 -7.94 17.67
N PHE C 232 12.07 -8.83 17.98
CA PHE C 232 12.27 -10.26 17.83
C PHE C 232 11.25 -10.79 16.81
N MET C 233 11.69 -11.66 15.91
CA MET C 233 10.80 -12.19 14.88
C MET C 233 10.89 -13.71 14.74
N ALA C 234 11.72 -14.20 13.83
CA ALA C 234 11.84 -15.64 13.64
C ALA C 234 12.38 -16.41 14.85
N HIS C 235 13.06 -15.72 15.75
CA HIS C 235 13.61 -16.36 16.93
C HIS C 235 13.46 -15.43 18.12
N GLN C 236 13.63 -15.95 19.33
CA GLN C 236 13.52 -15.13 20.53
C GLN C 236 14.69 -15.31 21.50
N ASP C 237 15.90 -15.38 20.94
CA ASP C 237 17.11 -15.51 21.73
C ASP C 237 17.37 -14.08 22.15
N LEU C 238 17.07 -13.76 23.40
CA LEU C 238 17.21 -12.40 23.92
C LEU C 238 18.58 -11.78 23.78
N ARG C 239 19.58 -12.59 23.50
CA ARG C 239 20.93 -12.06 23.33
C ARG C 239 21.05 -11.39 21.96
N PHE C 240 20.19 -11.80 21.03
CA PHE C 240 20.27 -11.30 19.66
C PHE C 240 19.06 -10.54 19.11
N PRO C 241 18.74 -9.39 19.72
CA PRO C 241 17.60 -8.64 19.21
C PRO C 241 18.01 -7.94 17.91
N ARG C 242 17.05 -7.66 17.05
CA ARG C 242 17.35 -6.99 15.80
C ARG C 242 16.99 -5.53 16.00
N ILE C 243 17.82 -4.65 15.45
CA ILE C 243 17.63 -3.21 15.60
C ILE C 243 16.79 -2.57 14.49
N ALA C 244 15.62 -2.07 14.86
CA ALA C 244 14.72 -1.44 13.89
C ALA C 244 14.65 0.05 14.13
N PHE C 245 14.72 0.82 13.06
CA PHE C 245 14.63 2.26 13.17
C PHE C 245 13.21 2.71 12.83
N PHE C 246 12.65 3.54 13.69
CA PHE C 246 11.32 4.07 13.50
C PHE C 246 11.42 5.59 13.55
N SER C 247 10.55 6.28 12.83
CA SER C 247 10.57 7.74 12.84
C SER C 247 9.91 8.26 14.11
N THR C 248 10.42 9.37 14.62
CA THR C 248 9.89 9.96 15.84
C THR C 248 9.02 11.16 15.51
N ARG C 249 8.86 11.43 14.22
CA ARG C 249 8.08 12.56 13.76
C ARG C 249 8.02 12.51 12.25
N LEU C 250 7.30 13.45 11.66
CA LEU C 250 7.19 13.52 10.21
C LEU C 250 8.56 13.85 9.64
N ILE C 251 9.02 13.01 8.72
CA ILE C 251 10.31 13.28 8.08
C ILE C 251 10.01 13.75 6.68
N GLU C 252 10.23 15.03 6.43
CA GLU C 252 9.96 15.61 5.13
C GLU C 252 10.90 15.10 4.05
N ALA C 253 10.37 14.95 2.83
CA ALA C 253 11.15 14.47 1.70
C ALA C 253 12.40 15.32 1.50
N GLY C 254 13.55 14.66 1.37
CA GLY C 254 14.81 15.37 1.18
C GLY C 254 15.54 15.54 2.51
N GLU C 255 14.80 15.36 3.60
CA GLU C 255 15.39 15.49 4.93
C GLU C 255 16.33 14.34 5.22
N GLN C 256 17.42 14.62 5.93
CA GLN C 256 18.38 13.59 6.27
C GLN C 256 17.90 12.79 7.46
N LEU C 257 18.25 11.50 7.49
CA LEU C 257 17.88 10.64 8.60
C LEU C 257 19.01 10.72 9.62
N GLY C 258 18.68 10.50 10.89
CA GLY C 258 19.68 10.53 11.93
C GLY C 258 19.13 9.95 13.22
N PHE C 259 20.03 9.48 14.09
CA PHE C 259 19.61 8.95 15.37
C PHE C 259 20.68 9.27 16.39
N ASP C 260 20.36 9.14 17.67
CA ASP C 260 21.31 9.44 18.74
C ASP C 260 22.26 8.27 19.00
N TYR C 261 23.50 8.40 18.56
CA TYR C 261 24.53 7.36 18.71
C TYR C 261 24.69 6.94 20.16
N GLY C 262 24.44 7.86 21.09
CA GLY C 262 24.57 7.50 22.50
C GLY C 262 25.84 7.95 23.20
N GLU C 263 25.86 7.77 24.51
CA GLU C 263 26.99 8.17 25.34
C GLU C 263 28.30 7.44 25.11
N ARG C 264 28.27 6.11 25.02
CA ARG C 264 29.53 5.40 24.79
C ARG C 264 30.22 5.89 23.53
N PHE C 265 29.45 6.16 22.49
CA PHE C 265 30.05 6.65 21.26
C PHE C 265 30.78 7.96 21.52
N TRP C 266 30.05 8.95 21.98
CA TRP C 266 30.63 10.26 22.24
C TRP C 266 31.68 10.34 23.35
N ASP C 267 31.65 9.40 24.30
CA ASP C 267 32.66 9.41 25.35
C ASP C 267 33.99 8.98 24.75
N ILE C 268 33.92 8.28 23.62
CA ILE C 268 35.11 7.82 22.91
C ILE C 268 35.49 8.78 21.80
N LYS C 269 34.61 8.92 20.82
CA LYS C 269 34.85 9.80 19.67
C LYS C 269 34.79 11.30 20.01
N GLY C 270 34.22 11.62 21.16
CA GLY C 270 34.13 13.02 21.57
C GLY C 270 35.49 13.60 21.92
N LYS C 271 36.48 12.73 22.07
CA LYS C 271 37.84 13.14 22.40
C LYS C 271 38.63 13.45 21.13
N LEU C 272 38.04 13.16 19.98
CA LEU C 272 38.67 13.42 18.69
C LEU C 272 37.99 14.62 18.04
N PHE C 273 36.82 14.40 17.46
CA PHE C 273 36.07 15.46 16.80
C PHE C 273 34.82 15.80 17.61
N SER C 274 34.13 16.87 17.25
CA SER C 274 32.91 17.27 17.95
C SER C 274 31.72 17.23 17.00
N CYS C 275 30.54 17.06 17.58
CA CYS C 275 29.31 16.97 16.80
C CYS C 275 29.01 18.19 15.95
N ARG C 276 28.54 17.93 14.72
CA ARG C 276 28.19 18.99 13.78
C ARG C 276 26.76 18.76 13.27
N CYS C 277 25.91 18.21 14.12
CA CYS C 277 24.53 17.93 13.72
C CYS C 277 23.81 19.26 13.43
N GLY C 278 24.35 20.35 13.97
CA GLY C 278 23.76 21.65 13.73
C GLY C 278 22.46 21.94 14.46
N SER C 279 22.24 21.25 15.57
CA SER C 279 21.03 21.46 16.35
C SER C 279 21.24 22.51 17.42
N PRO C 280 20.30 23.45 17.53
CA PRO C 280 20.49 24.48 18.57
C PRO C 280 20.55 23.79 19.94
N LYS C 281 20.06 22.55 19.99
CA LYS C 281 20.05 21.76 21.22
C LYS C 281 21.15 20.68 21.22
N CYS C 282 22.16 20.86 20.39
CA CYS C 282 23.26 19.90 20.31
C CYS C 282 23.89 19.72 21.69
N ARG C 283 24.34 18.50 21.97
CA ARG C 283 24.95 18.17 23.26
C ARG C 283 26.40 17.71 23.13
N HIS C 284 26.95 17.74 21.93
CA HIS C 284 28.32 17.29 21.72
C HIS C 284 29.13 18.22 20.83
N SER C 285 28.76 19.49 20.82
CA SER C 285 29.45 20.48 20.02
C SER C 285 30.69 20.94 20.79
N GLU D 26 -16.40 -30.67 -4.91
CA GLU D 26 -15.31 -30.07 -4.10
C GLU D 26 -15.86 -29.13 -3.02
N ARG D 27 -15.91 -29.63 -1.79
CA ARG D 27 -16.41 -28.84 -0.66
C ARG D 27 -15.22 -28.18 0.04
N ILE D 28 -14.80 -27.02 -0.48
CA ILE D 28 -13.66 -26.27 0.05
C ILE D 28 -13.46 -26.42 1.56
N VAL D 29 -12.31 -26.95 1.94
CA VAL D 29 -11.98 -27.16 3.34
C VAL D 29 -11.17 -25.98 3.88
N SER D 30 -10.37 -25.37 3.02
CA SER D 30 -9.57 -24.24 3.45
C SER D 30 -9.11 -23.40 2.27
N ARG D 31 -9.18 -22.09 2.42
CA ARG D 31 -8.78 -21.17 1.38
C ARG D 31 -7.27 -21.23 1.13
N ASP D 32 -6.51 -21.41 2.21
CA ASP D 32 -5.05 -21.46 2.10
C ASP D 32 -4.41 -22.12 3.32
N ILE D 33 -3.93 -23.34 3.13
CA ILE D 33 -3.30 -24.09 4.22
C ILE D 33 -2.01 -23.45 4.74
N ALA D 34 -1.38 -22.61 3.94
CA ALA D 34 -0.14 -21.95 4.32
C ALA D 34 -0.39 -20.65 5.09
N ARG D 35 -1.66 -20.33 5.32
CA ARG D 35 -2.06 -19.13 6.05
C ARG D 35 -1.41 -17.85 5.57
N GLY D 36 -1.18 -17.75 4.26
CA GLY D 36 -0.58 -16.57 3.70
C GLY D 36 0.93 -16.55 3.63
N TYR D 37 1.58 -17.66 3.98
CA TYR D 37 3.03 -17.74 3.95
C TYR D 37 3.67 -17.97 2.58
N GLU D 38 2.97 -18.64 1.67
CA GLU D 38 3.53 -18.87 0.34
C GLU D 38 3.19 -17.67 -0.54
N ARG D 39 3.94 -17.50 -1.62
CA ARG D 39 3.69 -16.40 -2.56
C ARG D 39 2.31 -16.57 -3.18
N ILE D 40 1.84 -17.81 -3.22
CA ILE D 40 0.53 -18.11 -3.79
C ILE D 40 -0.23 -19.04 -2.85
N PRO D 41 -1.49 -18.68 -2.53
CA PRO D 41 -2.35 -19.48 -1.64
C PRO D 41 -2.44 -20.92 -2.10
N ILE D 42 -2.82 -21.82 -1.20
CA ILE D 42 -2.97 -23.23 -1.54
C ILE D 42 -4.22 -23.79 -0.86
N PRO D 43 -5.34 -23.78 -1.57
CA PRO D 43 -6.64 -24.26 -1.08
C PRO D 43 -6.72 -25.77 -0.89
N CYS D 44 -7.63 -26.18 0.00
CA CYS D 44 -7.84 -27.58 0.24
C CYS D 44 -9.29 -27.89 -0.13
N VAL D 45 -9.47 -28.93 -0.94
CA VAL D 45 -10.80 -29.34 -1.37
C VAL D 45 -11.01 -30.80 -1.01
N ASN D 46 -12.28 -31.16 -0.81
CA ASN D 46 -12.64 -32.52 -0.46
C ASN D 46 -13.96 -32.86 -1.16
N ALA D 47 -13.90 -33.80 -2.09
CA ALA D 47 -15.07 -34.23 -2.84
C ALA D 47 -15.39 -35.69 -2.56
N VAL D 48 -14.43 -36.39 -1.96
CA VAL D 48 -14.62 -37.80 -1.63
C VAL D 48 -15.47 -37.92 -0.36
N ASP D 49 -14.82 -38.15 0.79
CA ASP D 49 -15.54 -38.29 2.05
C ASP D 49 -15.82 -36.95 2.72
N SER D 50 -16.08 -37.00 4.03
CA SER D 50 -16.34 -35.78 4.79
C SER D 50 -15.22 -35.50 5.77
N GLU D 51 -14.00 -35.86 5.39
CA GLU D 51 -12.83 -35.61 6.22
C GLU D 51 -12.49 -34.13 6.18
N PRO D 52 -12.19 -33.54 7.36
CA PRO D 52 -11.85 -32.11 7.42
C PRO D 52 -10.44 -31.85 6.89
N CYS D 53 -10.14 -30.59 6.63
CA CYS D 53 -8.83 -30.20 6.16
C CYS D 53 -7.81 -30.60 7.24
N PRO D 54 -6.86 -31.48 6.90
CA PRO D 54 -5.83 -31.96 7.85
C PRO D 54 -5.29 -30.85 8.73
N SER D 55 -5.03 -31.19 9.99
CA SER D 55 -4.51 -30.22 10.94
C SER D 55 -3.82 -30.90 12.11
N ASN D 56 -3.23 -32.05 11.85
CA ASN D 56 -2.53 -32.77 12.89
C ASN D 56 -1.04 -32.58 12.62
N TYR D 57 -0.70 -31.38 12.20
CA TYR D 57 0.68 -31.02 11.88
C TYR D 57 0.76 -29.50 11.78
N LYS D 58 1.97 -28.96 11.93
CA LYS D 58 2.17 -27.52 11.84
C LYS D 58 2.75 -27.19 10.47
N TYR D 59 2.07 -26.28 9.76
CA TYR D 59 2.53 -25.89 8.43
C TYR D 59 3.65 -24.86 8.53
N VAL D 60 4.73 -25.11 7.80
CA VAL D 60 5.85 -24.18 7.75
C VAL D 60 6.29 -24.07 6.30
N SER D 61 6.77 -22.89 5.92
CA SER D 61 7.22 -22.68 4.56
C SER D 61 8.72 -22.97 4.43
N GLN D 62 9.45 -22.82 5.52
CA GLN D 62 10.90 -23.08 5.55
C GLN D 62 11.22 -24.19 6.54
N ASN D 63 12.35 -24.86 6.36
CA ASN D 63 12.75 -25.92 7.28
C ASN D 63 12.99 -25.33 8.65
N CYS D 64 12.79 -26.15 9.68
CA CYS D 64 13.01 -25.71 11.05
C CYS D 64 13.75 -26.81 11.81
N VAL D 65 14.05 -26.55 13.07
CA VAL D 65 14.73 -27.53 13.90
C VAL D 65 14.15 -27.52 15.29
N THR D 66 14.08 -28.69 15.90
CA THR D 66 13.53 -28.81 17.24
C THR D 66 14.63 -29.13 18.22
N SER D 67 15.80 -28.57 17.96
CA SER D 67 16.97 -28.81 18.79
C SER D 67 18.12 -27.92 18.31
N PRO D 68 19.31 -28.09 18.87
CA PRO D 68 20.42 -27.26 18.40
C PRO D 68 20.83 -27.89 17.06
N MET D 69 21.24 -27.08 16.11
CA MET D 69 21.64 -27.60 14.81
C MET D 69 22.70 -26.64 14.29
N ASN D 70 23.95 -27.08 14.39
CA ASN D 70 25.07 -26.27 13.98
C ASN D 70 25.26 -26.18 12.47
N ILE D 71 24.36 -25.49 11.80
CA ILE D 71 24.47 -25.30 10.35
C ILE D 71 25.52 -24.21 10.11
N ASP D 72 26.48 -24.48 9.23
CA ASP D 72 27.52 -23.52 8.95
C ASP D 72 27.04 -22.32 8.13
N ARG D 73 26.79 -21.20 8.80
CA ARG D 73 26.34 -19.98 8.13
C ARG D 73 27.43 -18.91 8.12
N ASN D 74 28.67 -19.31 8.37
CA ASN D 74 29.80 -18.37 8.35
C ASN D 74 29.89 -17.86 6.92
N ILE D 75 29.61 -16.58 6.73
CA ILE D 75 29.61 -15.98 5.40
C ILE D 75 30.95 -16.01 4.67
N THR D 76 32.05 -16.17 5.39
CA THR D 76 33.34 -16.21 4.71
C THR D 76 33.62 -17.59 4.11
N HIS D 77 32.93 -18.62 4.60
CA HIS D 77 33.11 -19.97 4.07
C HIS D 77 32.34 -20.14 2.77
N LEU D 78 31.51 -19.16 2.45
CA LEU D 78 30.70 -19.21 1.22
C LEU D 78 31.53 -19.07 -0.03
N GLN D 79 31.19 -19.86 -1.04
CA GLN D 79 31.86 -19.76 -2.32
C GLN D 79 30.87 -18.94 -3.14
N TYR D 80 31.37 -17.90 -3.77
CA TYR D 80 30.54 -17.01 -4.55
C TYR D 80 31.23 -16.69 -5.86
N CYS D 81 30.53 -15.97 -6.72
CA CYS D 81 31.09 -15.58 -8.00
C CYS D 81 31.22 -14.06 -8.01
N VAL D 82 31.99 -13.57 -8.96
CA VAL D 82 32.21 -12.13 -9.13
C VAL D 82 31.76 -11.71 -10.52
N CYS D 83 30.68 -12.34 -10.99
CA CYS D 83 30.16 -12.01 -12.30
C CYS D 83 29.72 -10.57 -12.35
N ILE D 84 29.98 -9.93 -13.50
CA ILE D 84 29.61 -8.55 -13.71
C ILE D 84 28.47 -8.48 -14.71
N ASP D 85 27.93 -9.64 -15.04
CA ASP D 85 26.80 -9.75 -15.97
C ASP D 85 25.61 -10.35 -15.22
N ASP D 86 24.68 -10.99 -15.94
CA ASP D 86 23.53 -11.59 -15.29
C ASP D 86 23.74 -13.08 -15.03
N CYS D 87 25.01 -13.47 -14.97
CA CYS D 87 25.42 -14.86 -14.71
C CYS D 87 25.04 -15.90 -15.76
N SER D 88 25.10 -15.51 -17.03
CA SER D 88 24.79 -16.44 -18.12
C SER D 88 26.12 -17.01 -18.60
N SER D 89 27.20 -16.28 -18.32
CA SER D 89 28.54 -16.67 -18.69
C SER D 89 28.98 -17.99 -18.07
N SER D 90 30.00 -18.61 -18.65
CA SER D 90 30.52 -19.87 -18.17
C SER D 90 31.60 -19.59 -17.13
N ASN D 91 31.77 -18.31 -16.81
CA ASN D 91 32.77 -17.87 -15.84
C ASN D 91 32.24 -17.96 -14.41
N CYS D 92 30.92 -17.86 -14.26
CA CYS D 92 30.28 -17.90 -12.95
C CYS D 92 30.72 -19.08 -12.08
N MET D 93 31.35 -18.74 -10.96
CA MET D 93 31.83 -19.73 -10.00
C MET D 93 30.69 -20.64 -9.54
N CYS D 94 29.53 -20.02 -9.30
CA CYS D 94 28.34 -20.73 -8.85
C CYS D 94 27.85 -21.76 -9.85
N GLY D 95 27.79 -21.38 -11.12
CA GLY D 95 27.35 -22.32 -12.14
C GLY D 95 28.38 -23.44 -12.25
N GLN D 96 29.66 -23.07 -12.17
CA GLN D 96 30.74 -24.05 -12.26
C GLN D 96 30.66 -25.10 -11.17
N LEU D 97 30.25 -24.69 -9.97
CA LEU D 97 30.12 -25.62 -8.87
C LEU D 97 28.97 -26.58 -9.16
N SER D 98 28.12 -26.18 -10.09
CA SER D 98 26.97 -26.99 -10.46
C SER D 98 27.24 -27.65 -11.81
N MET D 99 28.51 -27.65 -12.20
CA MET D 99 28.95 -28.20 -13.49
C MET D 99 28.61 -27.20 -14.59
N ARG D 100 27.56 -26.43 -14.36
CA ARG D 100 27.08 -25.42 -15.30
C ARG D 100 25.72 -24.94 -14.80
N CYS D 101 25.41 -23.66 -14.99
CA CYS D 101 24.11 -23.17 -14.57
C CYS D 101 23.10 -23.92 -15.43
N TRP D 102 22.14 -24.59 -14.80
CA TRP D 102 21.16 -25.35 -15.56
C TRP D 102 19.83 -24.65 -15.79
N TYR D 103 19.80 -23.32 -15.66
CA TYR D 103 18.56 -22.60 -15.87
C TYR D 103 18.57 -21.77 -17.13
N ASP D 104 17.39 -21.63 -17.75
CA ASP D 104 17.24 -20.84 -18.96
C ASP D 104 16.70 -19.46 -18.62
N LYS D 105 16.37 -18.68 -19.65
CA LYS D 105 15.84 -17.33 -19.48
C LYS D 105 14.58 -17.31 -18.62
N ASP D 106 13.76 -18.34 -18.73
CA ASP D 106 12.52 -18.42 -17.96
C ASP D 106 12.65 -19.19 -16.65
N GLY D 107 13.89 -19.40 -16.22
CA GLY D 107 14.13 -20.12 -14.97
C GLY D 107 13.89 -21.61 -15.00
N ARG D 108 13.76 -22.18 -16.20
CA ARG D 108 13.52 -23.61 -16.33
C ARG D 108 14.79 -24.39 -16.63
N LEU D 109 14.85 -25.63 -16.17
CA LEU D 109 16.02 -26.46 -16.39
C LEU D 109 16.31 -26.62 -17.87
N LEU D 110 17.59 -26.84 -18.18
CA LEU D 110 17.99 -27.03 -19.56
C LEU D 110 17.66 -28.49 -19.91
N PRO D 111 17.11 -28.71 -21.11
CA PRO D 111 16.74 -30.06 -21.56
C PRO D 111 17.77 -31.13 -21.23
N GLU D 112 19.05 -30.78 -21.34
CA GLU D 112 20.14 -31.72 -21.07
C GLU D 112 20.48 -31.89 -19.59
N PHE D 113 19.47 -31.78 -18.73
CA PHE D 113 19.64 -31.94 -17.29
C PHE D 113 19.39 -33.42 -17.00
N ASN D 114 20.36 -34.08 -16.38
CA ASN D 114 20.22 -35.50 -16.08
C ASN D 114 19.19 -35.78 -14.98
N MET D 115 17.95 -36.05 -15.39
CA MET D 115 16.87 -36.33 -14.44
C MET D 115 17.13 -37.57 -13.58
N ALA D 116 17.80 -38.55 -14.15
CA ALA D 116 18.10 -39.79 -13.44
C ALA D 116 19.12 -39.57 -12.33
N GLU D 117 20.27 -39.01 -12.69
CA GLU D 117 21.33 -38.72 -11.73
C GLU D 117 21.51 -37.20 -11.67
N PRO D 118 20.66 -36.52 -10.87
CA PRO D 118 20.70 -35.06 -10.70
C PRO D 118 21.98 -34.55 -10.05
N PRO D 119 22.51 -33.43 -10.54
CA PRO D 119 23.73 -32.85 -9.98
C PRO D 119 23.38 -31.84 -8.87
N LEU D 120 24.30 -31.60 -7.96
CA LEU D 120 24.08 -30.64 -6.89
C LEU D 120 24.09 -29.26 -7.51
N ILE D 121 23.02 -28.50 -7.28
CA ILE D 121 22.93 -27.15 -7.82
C ILE D 121 23.26 -26.10 -6.77
N PHE D 122 24.03 -25.10 -7.17
CA PHE D 122 24.44 -24.01 -6.28
C PHE D 122 23.93 -22.72 -6.87
N GLU D 123 22.88 -22.16 -6.29
CA GLU D 123 22.36 -20.90 -6.81
C GLU D 123 23.24 -19.78 -6.26
N CYS D 124 23.17 -18.60 -6.85
CA CYS D 124 23.96 -17.48 -6.36
C CYS D 124 23.43 -17.03 -4.99
N ASN D 125 24.32 -16.52 -4.15
CA ASN D 125 23.95 -16.09 -2.81
C ASN D 125 24.26 -14.63 -2.50
N HIS D 126 24.10 -14.25 -1.25
CA HIS D 126 24.34 -12.87 -0.83
C HIS D 126 25.81 -12.50 -0.77
N ALA D 127 26.70 -13.47 -0.97
CA ALA D 127 28.12 -13.19 -0.95
C ALA D 127 28.57 -12.81 -2.38
N CYS D 128 27.82 -13.29 -3.38
CA CYS D 128 28.13 -13.00 -4.77
C CYS D 128 28.05 -11.50 -4.98
N SER D 129 28.60 -11.04 -6.11
CA SER D 129 28.58 -9.61 -6.40
C SER D 129 27.55 -9.25 -7.47
N CYS D 130 26.70 -10.22 -7.82
CA CYS D 130 25.69 -9.98 -8.84
C CYS D 130 24.39 -9.49 -8.22
N TRP D 131 23.44 -9.14 -9.09
CA TRP D 131 22.15 -8.63 -8.66
C TRP D 131 21.14 -9.74 -8.33
N ARG D 132 20.24 -9.44 -7.40
CA ARG D 132 19.23 -10.38 -6.93
C ARG D 132 18.36 -10.95 -8.04
N ASN D 133 18.46 -10.40 -9.24
CA ASN D 133 17.65 -10.87 -10.37
C ASN D 133 18.43 -11.67 -11.40
N CYS D 134 19.69 -11.99 -11.10
CA CYS D 134 20.50 -12.76 -12.04
C CYS D 134 19.80 -14.07 -12.37
N ARG D 135 20.24 -14.73 -13.44
CA ARG D 135 19.61 -15.97 -13.88
C ARG D 135 19.79 -17.19 -12.97
N ASN D 136 20.88 -17.20 -12.18
CA ASN D 136 21.13 -18.33 -11.30
C ASN D 136 20.37 -18.28 -9.97
N ARG D 137 19.09 -17.93 -10.02
CA ARG D 137 18.27 -17.83 -8.82
C ARG D 137 16.84 -18.28 -9.13
N VAL D 138 16.48 -19.48 -8.70
CA VAL D 138 15.14 -19.98 -8.97
C VAL D 138 14.46 -20.48 -7.70
N VAL D 139 15.02 -21.51 -7.09
CA VAL D 139 14.44 -22.06 -5.89
C VAL D 139 14.30 -21.02 -4.78
N GLN D 140 15.20 -20.04 -4.77
CA GLN D 140 15.15 -18.99 -3.76
C GLN D 140 14.04 -17.97 -3.98
N ASN D 141 13.21 -18.17 -5.00
CA ASN D 141 12.15 -17.22 -5.28
C ASN D 141 10.78 -17.74 -4.87
N GLY D 142 10.77 -18.94 -4.30
CA GLY D 142 9.54 -19.54 -3.83
C GLY D 142 8.54 -20.08 -4.83
N LEU D 143 7.39 -20.48 -4.29
CA LEU D 143 6.28 -21.05 -5.04
C LEU D 143 5.79 -20.10 -6.14
N ARG D 144 5.47 -20.67 -7.31
CA ARG D 144 4.98 -19.89 -8.44
C ARG D 144 3.93 -20.68 -9.22
N ALA D 145 3.67 -21.90 -8.79
CA ALA D 145 2.68 -22.75 -9.43
C ALA D 145 1.44 -22.84 -8.54
N ARG D 146 0.27 -22.54 -9.11
CA ARG D 146 -0.98 -22.60 -8.35
C ARG D 146 -1.29 -24.07 -8.08
N LEU D 147 -1.07 -24.50 -6.85
CA LEU D 147 -1.30 -25.89 -6.47
C LEU D 147 -2.55 -26.04 -5.60
N GLN D 148 -2.96 -27.28 -5.36
CA GLN D 148 -4.14 -27.52 -4.55
C GLN D 148 -4.09 -28.85 -3.82
N LEU D 149 -4.38 -28.82 -2.52
CA LEU D 149 -4.43 -30.03 -1.72
C LEU D 149 -5.83 -30.59 -1.88
N TYR D 150 -5.95 -31.87 -2.24
CA TYR D 150 -7.27 -32.46 -2.43
C TYR D 150 -7.33 -33.90 -1.92
N ARG D 151 -8.56 -34.37 -1.71
CA ARG D 151 -8.80 -35.72 -1.21
C ARG D 151 -8.95 -36.72 -2.36
N THR D 152 -8.10 -37.74 -2.39
CA THR D 152 -8.16 -38.75 -3.44
C THR D 152 -9.05 -39.88 -2.96
N ARG D 153 -9.12 -40.96 -3.73
CA ARG D 153 -9.94 -42.09 -3.35
C ARG D 153 -9.10 -43.29 -2.93
N ASP D 154 -8.13 -43.66 -3.77
CA ASP D 154 -7.28 -44.82 -3.48
C ASP D 154 -6.21 -44.59 -2.42
N MET D 155 -5.72 -43.36 -2.28
CA MET D 155 -4.67 -43.08 -1.31
C MET D 155 -4.73 -41.71 -0.63
N GLY D 156 -5.26 -41.69 0.60
CA GLY D 156 -5.39 -40.47 1.38
C GLY D 156 -5.52 -39.16 0.63
N TRP D 157 -4.80 -38.15 1.10
CA TRP D 157 -4.80 -36.83 0.48
C TRP D 157 -3.72 -36.76 -0.59
N GLY D 158 -3.88 -35.81 -1.50
CA GLY D 158 -2.91 -35.64 -2.56
C GLY D 158 -2.78 -34.20 -2.97
N VAL D 159 -1.81 -33.91 -3.83
CA VAL D 159 -1.58 -32.56 -4.31
C VAL D 159 -1.62 -32.54 -5.84
N ARG D 160 -2.25 -31.51 -6.40
CA ARG D 160 -2.32 -31.39 -7.86
C ARG D 160 -2.18 -29.94 -8.31
N SER D 161 -1.79 -29.76 -9.56
CA SER D 161 -1.61 -28.43 -10.15
C SER D 161 -2.93 -27.91 -10.70
N LEU D 162 -3.18 -26.61 -10.56
CA LEU D 162 -4.40 -26.04 -11.06
C LEU D 162 -4.16 -25.36 -12.41
N GLN D 163 -2.93 -25.46 -12.87
CA GLN D 163 -2.55 -24.89 -14.16
C GLN D 163 -1.62 -25.86 -14.88
N ASP D 164 -1.09 -25.46 -16.02
CA ASP D 164 -0.18 -26.32 -16.76
C ASP D 164 1.25 -25.92 -16.45
N ILE D 165 2.06 -26.91 -16.10
CA ILE D 165 3.45 -26.66 -15.76
C ILE D 165 4.40 -27.24 -16.80
N PRO D 166 5.12 -26.36 -17.50
CA PRO D 166 6.07 -26.79 -18.53
C PRO D 166 7.22 -27.56 -17.88
N PRO D 167 7.84 -28.49 -18.62
CA PRO D 167 8.96 -29.29 -18.10
C PRO D 167 10.08 -28.43 -17.55
N GLY D 168 10.88 -29.01 -16.65
CA GLY D 168 11.99 -28.31 -16.04
C GLY D 168 11.61 -27.12 -15.17
N THR D 169 10.37 -27.12 -14.67
CA THR D 169 9.87 -26.04 -13.82
C THR D 169 9.92 -26.38 -12.34
N PHE D 170 10.35 -25.43 -11.52
CA PHE D 170 10.42 -25.63 -10.07
C PHE D 170 9.00 -25.54 -9.53
N VAL D 171 8.56 -26.58 -8.85
CA VAL D 171 7.21 -26.60 -8.31
C VAL D 171 7.15 -26.27 -6.83
N CYS D 172 7.71 -27.13 -6.00
CA CYS D 172 7.69 -26.89 -4.57
C CYS D 172 8.91 -27.48 -3.89
N GLU D 173 9.10 -27.14 -2.63
CA GLU D 173 10.24 -27.63 -1.87
C GLU D 173 9.73 -28.62 -0.82
N TYR D 174 10.54 -29.62 -0.50
CA TYR D 174 10.15 -30.59 0.52
C TYR D 174 10.67 -30.04 1.85
N VAL D 175 9.80 -29.36 2.58
CA VAL D 175 10.17 -28.74 3.84
C VAL D 175 9.70 -29.50 5.09
N GLY D 176 10.53 -29.46 6.13
CA GLY D 176 10.16 -30.15 7.35
C GLY D 176 11.10 -29.90 8.51
N GLU D 177 11.07 -30.82 9.47
CA GLU D 177 11.91 -30.75 10.64
C GLU D 177 13.26 -31.40 10.30
N LEU D 178 14.32 -30.61 10.36
CA LEU D 178 15.65 -31.10 10.05
C LEU D 178 16.18 -31.90 11.24
N ILE D 179 16.45 -33.20 11.03
CA ILE D 179 16.91 -34.05 12.13
C ILE D 179 18.11 -34.93 11.79
N SER D 180 18.82 -35.36 12.83
CA SER D 180 19.97 -36.23 12.67
C SER D 180 19.51 -37.64 12.31
N ASP D 181 20.44 -38.43 11.78
CA ASP D 181 20.15 -39.79 11.39
C ASP D 181 19.77 -40.65 12.59
N SER D 182 20.55 -40.59 13.66
CA SER D 182 20.25 -41.38 14.84
C SER D 182 18.96 -40.91 15.49
N GLU D 183 18.51 -39.72 15.12
CA GLU D 183 17.26 -39.16 15.65
C GLU D 183 16.12 -39.78 14.86
N ALA D 184 16.30 -39.86 13.54
CA ALA D 184 15.30 -40.41 12.66
C ALA D 184 15.10 -41.91 12.92
N ASP D 185 16.19 -42.58 13.30
CA ASP D 185 16.15 -44.02 13.56
C ASP D 185 15.44 -44.38 14.87
N VAL D 186 14.81 -43.41 15.51
CA VAL D 186 14.12 -43.66 16.76
C VAL D 186 12.67 -43.21 16.70
N ARG D 187 12.24 -42.76 15.53
CA ARG D 187 10.87 -42.30 15.37
C ARG D 187 9.94 -43.36 14.78
N GLU D 188 8.74 -43.47 15.37
CA GLU D 188 7.73 -44.45 14.94
C GLU D 188 7.21 -44.11 13.54
N GLU D 189 6.63 -42.92 13.40
CA GLU D 189 6.12 -42.49 12.10
C GLU D 189 7.33 -42.19 11.22
N ASP D 190 7.37 -42.80 10.03
CA ASP D 190 8.48 -42.60 9.12
C ASP D 190 8.00 -42.49 7.68
N SER D 191 6.71 -42.27 7.53
CA SER D 191 6.10 -42.15 6.21
C SER D 191 6.32 -40.73 5.69
N TYR D 192 6.97 -39.90 6.50
CA TYR D 192 7.21 -38.53 6.13
C TYR D 192 8.67 -38.16 6.10
N LEU D 193 9.53 -39.16 6.28
CA LEU D 193 10.98 -38.95 6.26
C LEU D 193 11.50 -38.75 4.85
N PHE D 194 12.65 -38.08 4.76
CA PHE D 194 13.29 -37.84 3.48
C PHE D 194 14.79 -37.74 3.73
N ASP D 195 15.54 -38.75 3.29
CA ASP D 195 16.99 -38.77 3.48
C ASP D 195 17.64 -37.66 2.67
N LEU D 196 18.82 -37.22 3.08
CA LEU D 196 19.51 -36.16 2.37
C LEU D 196 20.81 -36.61 1.72
N ASP D 197 21.59 -37.42 2.44
CA ASP D 197 22.86 -37.91 1.92
C ASP D 197 23.78 -36.77 1.50
N GLU D 202 26.82 -40.43 9.22
CA GLU D 202 26.53 -39.10 9.74
C GLU D 202 25.76 -38.26 8.73
N VAL D 203 24.55 -38.72 8.40
CA VAL D 203 23.69 -38.02 7.46
C VAL D 203 22.45 -37.47 8.16
N TYR D 204 21.67 -36.68 7.44
CA TYR D 204 20.47 -36.08 8.02
C TYR D 204 19.22 -36.33 7.20
N CYS D 205 18.07 -36.06 7.81
CA CYS D 205 16.78 -36.25 7.16
C CYS D 205 15.88 -35.06 7.40
N ILE D 206 14.78 -35.04 6.66
CA ILE D 206 13.78 -34.01 6.81
C ILE D 206 12.51 -34.79 7.13
N ASP D 207 12.00 -34.59 8.34
CA ASP D 207 10.78 -35.27 8.74
C ASP D 207 9.67 -34.25 8.58
N ALA D 208 8.67 -34.58 7.77
CA ALA D 208 7.57 -33.68 7.53
C ALA D 208 6.31 -34.10 8.32
N ARG D 209 6.49 -35.04 9.24
CA ARG D 209 5.38 -35.52 10.05
C ARG D 209 4.73 -34.47 10.95
N PHE D 210 5.53 -33.78 11.74
CA PHE D 210 5.00 -32.78 12.66
C PHE D 210 5.07 -31.37 12.13
N TYR D 211 6.09 -31.10 11.33
CA TYR D 211 6.29 -29.80 10.72
C TYR D 211 6.60 -30.08 9.26
N GLY D 212 5.83 -29.46 8.36
CA GLY D 212 6.06 -29.66 6.96
C GLY D 212 5.25 -28.69 6.12
N ASN D 213 5.53 -28.66 4.82
CA ASN D 213 4.80 -27.78 3.95
C ASN D 213 3.93 -28.63 3.03
N VAL D 214 3.41 -28.02 1.96
CA VAL D 214 2.55 -28.73 1.03
C VAL D 214 3.13 -30.04 0.48
N SER D 215 4.46 -30.15 0.45
CA SER D 215 5.10 -31.35 -0.06
C SER D 215 4.84 -32.64 0.70
N ARG D 216 4.54 -32.53 1.99
CA ARG D 216 4.30 -33.73 2.79
C ARG D 216 3.09 -34.51 2.27
N PHE D 217 2.28 -33.88 1.42
CA PHE D 217 1.09 -34.55 0.90
C PHE D 217 1.25 -35.17 -0.49
N ILE D 218 2.35 -34.85 -1.17
CA ILE D 218 2.58 -35.39 -2.51
C ILE D 218 2.81 -36.91 -2.45
N ASN D 219 2.00 -37.65 -3.19
CA ASN D 219 2.08 -39.11 -3.21
C ASN D 219 3.17 -39.71 -4.11
N HIS D 220 3.42 -40.99 -3.92
CA HIS D 220 4.43 -41.72 -4.70
C HIS D 220 3.88 -42.23 -6.03
N HIS D 221 4.68 -42.10 -7.08
CA HIS D 221 4.32 -42.54 -8.41
C HIS D 221 5.55 -43.16 -9.07
N CYS D 222 5.37 -44.34 -9.67
CA CYS D 222 6.48 -45.04 -10.31
C CYS D 222 7.00 -44.38 -11.60
N GLU D 223 6.20 -43.48 -12.16
CA GLU D 223 6.58 -42.74 -13.37
C GLU D 223 6.28 -41.27 -13.06
N PRO D 224 6.95 -40.72 -12.02
CA PRO D 224 6.86 -39.36 -11.49
C PRO D 224 6.94 -38.18 -12.44
N ASN D 225 6.13 -37.17 -12.17
CA ASN D 225 6.14 -35.96 -12.96
C ASN D 225 7.00 -34.92 -12.21
N LEU D 226 7.57 -35.34 -11.08
CA LEU D 226 8.44 -34.48 -10.28
C LEU D 226 9.69 -35.23 -9.84
N VAL D 227 10.83 -34.55 -9.83
CA VAL D 227 12.09 -35.16 -9.43
C VAL D 227 12.78 -34.31 -8.38
N PRO D 228 13.28 -34.94 -7.32
CA PRO D 228 13.97 -34.20 -6.26
C PRO D 228 15.38 -33.79 -6.65
N VAL D 229 15.75 -32.56 -6.32
CA VAL D 229 17.08 -32.05 -6.63
C VAL D 229 17.67 -31.38 -5.40
N ARG D 230 18.91 -31.74 -5.07
CA ARG D 230 19.59 -31.17 -3.91
C ARG D 230 20.16 -29.80 -4.27
N VAL D 231 19.63 -28.76 -3.62
CA VAL D 231 20.04 -27.38 -3.88
C VAL D 231 20.61 -26.65 -2.68
N PHE D 232 21.51 -25.70 -2.94
CA PHE D 232 22.14 -24.88 -1.91
C PHE D 232 21.91 -23.43 -2.28
N MET D 233 21.63 -22.59 -1.27
CA MET D 233 21.36 -21.19 -1.52
C MET D 233 22.03 -20.23 -0.53
N ALA D 234 21.39 -19.98 0.60
CA ALA D 234 21.95 -19.06 1.58
C ALA D 234 23.20 -19.63 2.23
N HIS D 235 23.28 -20.95 2.33
CA HIS D 235 24.44 -21.58 2.93
C HIS D 235 24.87 -22.74 2.05
N GLN D 236 26.10 -23.21 2.22
CA GLN D 236 26.60 -24.31 1.41
C GLN D 236 27.12 -25.44 2.30
N ASP D 237 26.41 -25.67 3.41
CA ASP D 237 26.79 -26.75 4.34
C ASP D 237 26.32 -28.03 3.65
N LEU D 238 27.26 -28.75 3.05
CA LEU D 238 26.92 -29.97 2.31
C LEU D 238 26.07 -31.02 3.04
N ARG D 239 25.95 -30.90 4.35
CA ARG D 239 25.15 -31.84 5.12
C ARG D 239 23.67 -31.49 4.98
N PHE D 240 23.39 -30.23 4.68
CA PHE D 240 22.00 -29.80 4.59
C PHE D 240 21.56 -29.24 3.25
N PRO D 241 21.52 -30.10 2.22
CA PRO D 241 21.07 -29.56 0.94
C PRO D 241 19.57 -29.36 1.07
N ARG D 242 19.00 -28.45 0.31
CA ARG D 242 17.55 -28.28 0.36
C ARG D 242 16.98 -29.09 -0.81
N ILE D 243 15.86 -29.75 -0.58
CA ILE D 243 15.24 -30.59 -1.60
C ILE D 243 14.17 -29.89 -2.40
N ALA D 244 14.45 -29.65 -3.68
CA ALA D 244 13.49 -28.98 -4.55
C ALA D 244 12.92 -29.93 -5.60
N PHE D 245 11.64 -29.77 -5.92
CA PHE D 245 11.01 -30.62 -6.93
C PHE D 245 10.84 -29.85 -8.24
N PHE D 246 11.31 -30.45 -9.33
CA PHE D 246 11.20 -29.86 -10.66
C PHE D 246 10.32 -30.79 -11.48
N SER D 247 9.55 -30.23 -12.40
CA SER D 247 8.68 -31.05 -13.25
C SER D 247 9.53 -31.73 -14.32
N THR D 248 9.32 -33.04 -14.46
CA THR D 248 10.06 -33.85 -15.41
C THR D 248 9.36 -33.92 -16.77
N ARG D 249 8.34 -33.10 -16.95
CA ARG D 249 7.58 -33.05 -18.18
C ARG D 249 6.40 -32.13 -17.97
N LEU D 250 5.65 -31.85 -19.03
CA LEU D 250 4.50 -30.98 -18.93
C LEU D 250 3.44 -31.59 -18.03
N ILE D 251 2.96 -30.81 -17.07
CA ILE D 251 1.93 -31.28 -16.16
C ILE D 251 0.63 -30.55 -16.48
N GLU D 252 -0.35 -31.30 -16.95
CA GLU D 252 -1.64 -30.74 -17.32
C GLU D 252 -2.51 -30.45 -16.11
N ALA D 253 -3.14 -29.28 -16.13
CA ALA D 253 -4.02 -28.85 -15.05
C ALA D 253 -4.85 -30.01 -14.52
N GLY D 254 -5.05 -30.03 -13.21
CA GLY D 254 -5.83 -31.09 -12.59
C GLY D 254 -5.02 -32.34 -12.29
N GLU D 255 -3.92 -32.52 -13.00
CA GLU D 255 -3.05 -33.69 -12.81
C GLU D 255 -2.45 -33.69 -11.41
N GLN D 256 -2.34 -34.87 -10.83
CA GLN D 256 -1.78 -35.01 -9.49
C GLN D 256 -0.26 -35.06 -9.56
N LEU D 257 0.39 -34.36 -8.63
CA LEU D 257 1.84 -34.32 -8.56
C LEU D 257 2.33 -35.58 -7.87
N GLY D 258 3.54 -36.01 -8.23
CA GLY D 258 4.09 -37.20 -7.60
C GLY D 258 5.58 -37.36 -7.85
N PHE D 259 6.25 -38.06 -6.95
CA PHE D 259 7.67 -38.32 -7.13
C PHE D 259 7.94 -39.72 -6.62
N ASP D 260 9.12 -40.25 -6.92
CA ASP D 260 9.50 -41.59 -6.52
C ASP D 260 10.11 -41.61 -5.11
N TYR D 261 9.43 -42.26 -4.18
CA TYR D 261 9.93 -42.35 -2.81
C TYR D 261 11.24 -43.13 -2.78
N GLY D 262 11.38 -44.09 -3.67
CA GLY D 262 12.62 -44.85 -3.71
C GLY D 262 12.62 -46.20 -3.01
N GLU D 263 13.72 -46.93 -3.21
CA GLU D 263 13.90 -48.25 -2.62
C GLU D 263 13.71 -48.28 -1.11
N ARG D 264 14.51 -47.50 -0.40
CA ARG D 264 14.42 -47.46 1.06
C ARG D 264 13.00 -47.43 1.61
N PHE D 265 12.17 -46.55 1.06
CA PHE D 265 10.79 -46.43 1.51
C PHE D 265 10.03 -47.74 1.26
N TRP D 266 10.04 -48.18 0.01
CA TRP D 266 9.34 -49.40 -0.38
C TRP D 266 9.90 -50.68 0.20
N ASP D 267 11.21 -50.70 0.44
CA ASP D 267 11.86 -51.87 1.00
C ASP D 267 11.54 -51.94 2.50
N ILE D 268 10.66 -51.05 2.95
CA ILE D 268 10.23 -50.99 4.34
C ILE D 268 8.71 -51.06 4.36
N LYS D 269 8.08 -50.03 3.84
CA LYS D 269 6.62 -49.94 3.77
C LYS D 269 6.03 -51.00 2.86
N GLY D 270 6.87 -51.59 2.01
CA GLY D 270 6.40 -52.60 1.08
C GLY D 270 5.64 -53.73 1.74
N LYS D 271 6.19 -54.27 2.83
CA LYS D 271 5.57 -55.38 3.54
C LYS D 271 4.24 -54.99 4.20
N LEU D 272 3.84 -53.74 4.04
CA LEU D 272 2.58 -53.26 4.62
C LEU D 272 1.47 -53.06 3.59
N PHE D 273 1.85 -52.58 2.42
CA PHE D 273 0.86 -52.35 1.37
C PHE D 273 1.51 -52.22 0.00
N SER D 274 0.69 -52.34 -1.04
CA SER D 274 1.17 -52.27 -2.41
C SER D 274 0.91 -50.89 -3.00
N CYS D 275 1.67 -50.56 -4.05
CA CYS D 275 1.52 -49.27 -4.70
C CYS D 275 0.24 -49.17 -5.51
N ARG D 276 -0.51 -48.10 -5.27
CA ARG D 276 -1.77 -47.86 -5.96
C ARG D 276 -1.63 -46.73 -6.98
N CYS D 277 -0.39 -46.44 -7.36
CA CYS D 277 -0.16 -45.37 -8.32
C CYS D 277 -0.93 -45.67 -9.62
N GLY D 278 -1.15 -46.96 -9.87
CA GLY D 278 -1.89 -47.38 -11.04
C GLY D 278 -1.29 -46.99 -12.36
N SER D 279 -0.09 -47.50 -12.64
CA SER D 279 0.60 -47.20 -13.87
C SER D 279 0.98 -48.49 -14.59
N PRO D 280 1.10 -48.45 -15.91
CA PRO D 280 1.47 -49.64 -16.67
C PRO D 280 2.78 -50.19 -16.17
N LYS D 281 3.74 -49.29 -15.93
CA LYS D 281 5.05 -49.68 -15.46
C LYS D 281 5.27 -49.53 -13.95
N CYS D 282 4.23 -49.81 -13.16
CA CYS D 282 4.36 -49.71 -11.71
C CYS D 282 5.40 -50.72 -11.25
N ARG D 283 6.25 -50.33 -10.31
CA ARG D 283 7.29 -51.22 -9.82
C ARG D 283 7.09 -51.68 -8.38
N HIS D 284 5.88 -51.50 -7.85
CA HIS D 284 5.59 -51.90 -6.47
C HIS D 284 4.13 -52.35 -6.25
N SER D 285 3.61 -53.16 -7.17
CA SER D 285 2.24 -53.67 -7.05
C SER D 285 2.25 -55.08 -6.45
ZN ZN E . -12.38 23.64 -20.17
ZN ZN F . -9.04 22.30 -19.90
ZN ZN G . -9.97 24.29 -22.79
ZN ZN H . -4.29 47.23 9.70
N1 E67 I . -23.18 39.81 8.68
C2 E67 I . -22.93 39.47 7.36
N3 E67 I . -21.66 39.42 6.89
C4 E67 I . -20.62 39.70 7.73
C5 E67 I . -20.86 40.06 9.09
C6 E67 I . -22.19 40.11 9.55
CAA E67 I . -18.19 39.94 8.12
CAB E67 I . -18.43 40.30 9.48
CAC E67 I . -19.78 40.36 9.95
CAF E67 I . -19.29 39.64 7.25
OAK E67 I . -16.86 39.89 7.72
OAL E67 I . -17.34 40.60 10.29
CAM E67 I . -17.41 40.18 11.66
NAN E67 I . -22.47 40.43 10.84
CAO E67 I . -23.82 40.51 11.50
CAP E67 I . -23.84 41.71 12.46
CAQ E67 I . -25.25 41.81 13.19
NAR E67 I . -25.51 40.55 13.97
CAS E67 I . -25.53 39.39 13.00
CAT E67 I . -24.14 39.25 12.31
NAU E67 I . -23.98 39.20 6.60
CAV E67 I . -25.28 39.32 7.31
CAW E67 I . -26.35 39.82 6.36
CAX E67 I . -26.37 41.25 6.28
NAY E67 I . -27.46 41.55 5.31
CAZ E67 I . -26.96 42.05 4.03
CBA E67 I . -28.42 42.48 5.98
CBB E67 I . -16.60 40.02 6.32
CBC E67 I . -15.10 39.94 6.04
CBD E67 I . -14.40 38.60 6.31
CBE E67 I . -13.69 38.44 7.65
CBF E67 I . -13.07 37.03 7.67
NBG E67 I . -12.35 36.76 8.91
CBH E67 I . -26.86 40.74 14.64
CBI E67 I . -27.37 39.58 15.58
CBJ E67 I . -28.80 39.42 15.69
CBK E67 I . -29.39 38.43 16.52
CBL E67 I . -28.49 37.51 17.29
CBM E67 I . -26.98 37.70 17.14
CBN E67 I . -26.48 38.73 16.30
ZN ZN J . -16.04 6.82 11.14
ZN ZN K . -12.46 5.95 10.54
ZN ZN L . -14.29 4.79 13.58
ZN ZN M . -24.19 -16.88 -18.85
N1 E67 N . -35.90 -0.19 -15.90
C2 E67 N . -35.41 -0.16 -14.63
N3 E67 N . -34.31 -0.87 -14.27
C4 E67 N . -33.69 -1.63 -15.21
C5 E67 N . -34.19 -1.67 -16.57
C6 E67 N . -35.33 -0.92 -16.88
CAA E67 N . -31.87 -3.19 -15.87
CAB E67 N . -32.38 -3.23 -17.21
CAC E67 N . -33.54 -2.46 -17.53
CAF E67 N . -32.53 -2.39 -14.87
OAK E67 N . -30.74 -3.95 -15.60
OAL E67 N . -31.71 -4.02 -18.15
CAM E67 N . -32.27 -4.08 -19.48
NAN E67 N . -35.87 -0.90 -18.14
CAO E67 N . -37.07 -0.13 -18.56
CAP E67 N . -38.32 -1.03 -18.55
CAQ E67 N . -39.59 -0.20 -19.04
NAR E67 N . -39.36 0.31 -20.44
CAS E67 N . -38.15 1.23 -20.42
CAT E67 N . -36.89 0.44 -19.97
NAU E67 N . -36.08 0.61 -13.78
CAV E67 N . -37.24 1.27 -14.41
CAW E67 N . -38.33 1.42 -13.39
CAX E67 N . -39.07 0.21 -13.21
NAY E67 N . -40.06 0.59 -12.18
CAZ E67 N . -40.13 -0.38 -11.09
CBA E67 N . -41.37 0.81 -12.86
CBB E67 N . -30.15 -3.83 -14.28
CBC E67 N . -28.91 -4.74 -14.14
CBD E67 N . -27.56 -4.16 -14.60
CBE E67 N . -27.37 -3.94 -16.10
CBF E67 N . -25.97 -3.36 -16.31
NBG E67 N . -25.68 -3.09 -17.72
CBH E67 N . -40.58 1.07 -20.87
CBI E67 N . -40.50 1.64 -22.32
CBJ E67 N . -40.42 0.70 -23.42
CBK E67 N . -40.34 1.12 -24.78
CBL E67 N . -40.35 2.61 -25.07
CBM E67 N . -40.43 3.57 -23.88
CBN E67 N . -40.51 3.05 -22.56
ZN ZN O . 1.64 -14.14 17.38
ZN ZN P . -0.33 -12.62 14.64
ZN ZN Q . -1.89 -13.07 17.93
ZN ZN R . 24.64 17.50 17.90
N SAH S . 29.30 9.49 7.55
CA SAH S . 29.76 8.10 7.68
CB SAH S . 28.57 7.17 7.82
CG SAH S . 28.12 7.06 9.28
SD SAH S . 29.35 6.26 10.37
C SAH S . 30.52 7.71 6.40
O SAH S . 30.58 8.58 5.51
OXT SAH S . 31.31 6.90 5.79
C5' SAH S . 29.57 7.57 11.62
C4' SAH S . 30.65 8.56 11.27
O4' SAH S . 30.07 9.67 10.57
C3' SAH S . 31.18 9.13 12.57
O3' SAH S . 32.28 8.35 13.01
C2' SAH S . 31.67 10.48 12.11
O2' SAH S . 32.90 10.32 11.42
C1' SAH S . 30.59 10.89 11.12
N9 SAH S . 29.49 11.58 11.81
C8 SAH S . 28.31 11.03 12.11
N7 SAH S . 27.56 11.93 12.73
C5 SAH S . 28.25 13.06 12.81
C6 SAH S . 27.98 14.30 13.35
N6 SAH S . 26.80 14.56 13.92
N1 SAH S . 28.92 15.25 13.27
C2 SAH S . 30.08 15.01 12.71
N3 SAH S . 30.37 13.83 12.19
C4 SAH S . 29.48 12.84 12.23
N1 E67 T . 33.12 -1.03 21.64
C2 E67 T . 31.87 -1.46 22.00
N3 E67 T . 30.77 -0.74 21.71
C4 E67 T . 30.91 0.46 21.05
C5 E67 T . 32.23 0.93 20.67
C6 E67 T . 33.34 0.13 20.99
CAA E67 T . 29.93 2.50 20.05
CAB E67 T . 31.23 2.96 19.67
CAC E67 T . 32.37 2.16 20.00
CAF E67 T . 29.77 1.25 20.74
OAK E67 T . 28.85 3.29 19.73
OAL E67 T . 31.36 4.19 19.00
CAM E67 T . 32.66 4.56 18.53
NAN E67 T . 34.61 0.49 20.67
CAO E67 T . 35.84 -0.32 20.97
CAP E67 T . 36.35 -0.05 22.39
CAQ E67 T . 37.67 -0.90 22.66
NAR E67 T . 38.73 -0.48 21.68
CAS E67 T . 38.23 -0.77 20.28
CAT E67 T . 36.96 0.04 19.99
NAU E67 T . 31.83 -2.62 22.63
CAV E67 T . 33.17 -3.23 22.84
CAW E67 T . 33.15 -4.00 24.11
CAX E67 T . 33.19 -3.15 25.27
NAY E67 T . 33.14 -4.12 26.39
CAZ E67 T . 32.12 -3.74 27.39
CBA E67 T . 34.50 -4.25 26.98
CBB E67 T . 27.93 2.75 18.78
CBC E67 T . 26.77 3.73 18.50
CBD E67 T . 26.33 3.98 17.04
CBE E67 T . 27.40 3.86 15.95
CBF E67 T . 26.71 4.15 14.60
NBG E67 T . 27.65 4.05 13.48
CBH E67 T . 40.00 -1.27 21.94
CBI E67 T . 41.19 -0.89 21.01
CBJ E67 T . 41.84 0.38 21.23
CBK E67 T . 42.94 0.82 20.43
CBL E67 T . 43.43 -0.08 19.33
CBM E67 T . 42.72 -1.42 19.12
CBN E67 T . 41.64 -1.78 19.97
ZN ZN U . 26.87 -16.37 -7.81
ZN ZN V . 24.30 -14.60 -9.76
ZN ZN W . 27.65 -15.45 -11.17
ZN ZN X . 3.40 -47.46 -8.89
N SAH Y . -1.53 -39.38 1.05
CA SAH Y . -0.93 -39.22 2.38
CB SAH Y . 0.20 -38.18 2.30
CG SAH Y . 1.47 -38.79 1.70
SD SAH Y . 2.61 -39.49 2.94
C SAH Y . -1.97 -38.73 3.38
O SAH Y . -3.17 -39.00 3.13
OXT SAH Y . -2.08 -38.46 4.80
C5' SAH Y . 2.97 -41.10 2.16
C4' SAH Y . 1.98 -42.18 2.57
O4' SAH Y . 0.84 -42.14 1.69
C3' SAH Y . 2.68 -43.51 2.36
O3' SAH Y . 3.16 -43.97 3.63
C2' SAH Y . 1.54 -44.42 1.93
O2' SAH Y . 0.90 -44.93 3.09
C1' SAH Y . 0.59 -43.47 1.19
N9 SAH Y . 0.90 -43.47 -0.26
C8 SAH Y . 1.43 -42.46 -0.93
N7 SAH Y . 1.56 -42.81 -2.21
C5 SAH Y . 1.11 -44.05 -2.34
C6 SAH Y . 0.99 -44.92 -3.41
N6 SAH Y . 1.38 -44.56 -4.63
N1 SAH Y . 0.48 -46.14 -3.21
C2 SAH Y . 0.09 -46.51 -1.99
N3 SAH Y . 0.19 -45.70 -0.96
C4 SAH Y . 0.69 -44.47 -1.10
N1 E67 Z . 14.65 -44.36 8.30
C2 E67 Z . 15.44 -43.56 7.52
N3 E67 Z . 15.01 -43.11 6.32
C4 E67 Z . 13.78 -43.46 5.88
C5 E67 Z . 12.93 -44.31 6.67
C6 E67 Z . 13.41 -44.76 7.92
CAA E67 Z . 12.02 -43.35 4.12
CAB E67 Z . 11.18 -44.19 4.91
CAC E67 Z . 11.64 -44.66 6.19
CAF E67 Z . 13.32 -42.99 4.62
OAK E67 Z . 11.52 -42.93 2.90
OAL E67 Z . 9.91 -44.53 4.40
CAM E67 Z . 9.03 -45.27 5.26
NAN E67 Z . 12.67 -45.54 8.73
CAO E67 Z . 13.11 -46.05 10.07
CAP E67 Z . 12.93 -47.57 10.14
CAQ E67 Z . 13.40 -48.10 11.56
NAR E67 Z . 12.58 -47.46 12.64
CAS E67 Z . 12.81 -45.96 12.57
CAT E67 Z . 12.31 -45.41 11.21
NAU E67 Z . 16.64 -43.25 8.02
CAV E67 Z . 16.93 -43.83 9.34
CAW E67 Z . 18.41 -44.11 9.43
CAX E67 Z . 18.80 -45.25 8.67
NAY E67 Z . 20.26 -45.37 8.88
CAZ E67 Z . 21.00 -45.23 7.61
CBA E67 Z . 20.52 -46.65 9.59
CBB E67 Z . 12.31 -41.96 2.17
CBC E67 Z . 11.64 -41.57 0.83
CBD E67 Z . 10.67 -40.38 0.84
CBE E67 Z . 9.27 -40.62 1.42
CBF E67 Z . 8.48 -39.29 1.32
NBG E67 Z . 7.14 -39.41 1.85
CBH E67 Z . 13.08 -48.02 13.95
CBI E67 Z . 12.38 -47.54 15.26
CBJ E67 Z . 13.16 -47.53 16.47
CBK E67 Z . 12.63 -47.12 17.72
CBL E67 Z . 11.19 -46.70 17.78
CBM E67 Z . 10.38 -46.72 16.49
CBN E67 Z . 11.00 -47.15 15.28
#